data_8SKF
#
_entry.id   8SKF
#
_cell.length_a   85.822
_cell.length_b   184.823
_cell.length_c   163.066
_cell.angle_alpha   90.00
_cell.angle_beta   90.00
_cell.angle_gamma   90.00
#
_symmetry.space_group_name_H-M   'C 2 2 21'
#
loop_
_entity.id
_entity.type
_entity.pdbx_description
1 polymer 'Betaine aldehyde dehydrogenase'
2 non-polymer GLYCEROL
3 non-polymer NICOTINAMIDE-ADENINE-DINUCLEOTIDE
4 non-polymer 'CALCIUM ION'
5 non-polymer 'TETRAETHYLENE GLYCOL'
6 water water
#
_entity_poly.entity_id   1
_entity_poly.type   'polypeptide(L)'
_entity_poly.pdbx_seq_one_letter_code
;MAHHHHHHHMSRMAEQQLYIHGKFVAATSGKTFETINPATGEVLATVQAAGREDVDRAVKSAQQGQKVWAAMSAMARSRI
LRKAVDILRERNDELARLETLDTGKPLSETAAVDIVTGADVLEYYAGLIPALEGSQIPLRDSSFVYTRREPLGVVAGIGA
WNYPIQIALWKSAPALAAGNAMIFKPSEVTPLTALKLAEIYREAGLPDGVFNVLPGIGAETGQYLTEHPDIAKISFTGGV
ASGKKVMANSAASSLKEVTMELGGKSPLIIAEDANLDLAADIAMMANFYSSGQVCTNGTRVFVPAKFKAEFEHKILERVG
RIRAGDLFADDTNFGPLVSFPHRQNVLRYIESGKSEGARLLCGGDVLKGEGFDNGAWVAPTVFTDCTDDMTIVREEIFGP
VMSILSYDDEAEVIRRANATEYGLAAGVVTPDLNRAHRIIHQLEAGICWINSWGESPAEMPVGGYKHSGIGRENGVMTLQ
SYTQVKSIQVEMGPFQSIF
;
_entity_poly.pdbx_strand_id   A,B
#
# COMPACT_ATOMS: atom_id res chain seq x y z
N HIS A 3 -53.88 -14.71 0.80
CA HIS A 3 -53.47 -15.65 1.87
C HIS A 3 -52.45 -15.00 2.81
N HIS A 4 -52.84 -14.84 4.07
CA HIS A 4 -51.98 -14.22 5.08
C HIS A 4 -50.98 -15.24 5.65
N HIS A 5 -49.86 -14.73 6.16
CA HIS A 5 -48.80 -15.57 6.74
C HIS A 5 -48.33 -14.98 8.06
N HIS A 6 -48.97 -15.43 9.16
CA HIS A 6 -48.60 -15.07 10.52
C HIS A 6 -48.10 -16.29 11.28
N HIS A 7 -48.15 -16.25 12.62
CA HIS A 7 -47.53 -17.28 13.45
C HIS A 7 -46.06 -17.49 13.08
N HIS A 8 -45.33 -16.40 12.87
CA HIS A 8 -43.93 -16.48 12.46
C HIS A 8 -43.00 -15.75 13.43
N HIS A 9 -43.34 -15.68 14.73
CA HIS A 9 -42.37 -15.17 15.69
C HIS A 9 -41.13 -16.06 15.72
N MET A 10 -39.95 -15.43 15.63
N MET A 10 -39.95 -15.43 15.68
CA MET A 10 -38.68 -16.11 15.80
CA MET A 10 -38.68 -16.12 15.80
C MET A 10 -38.02 -15.56 17.06
C MET A 10 -37.95 -15.58 17.02
N SER A 11 -37.71 -16.45 17.99
CA SER A 11 -37.13 -16.03 19.24
C SER A 11 -35.65 -15.67 19.01
N ARG A 12 -35.11 -14.93 19.97
N ARG A 12 -35.11 -14.89 19.94
CA ARG A 12 -33.76 -14.41 19.89
CA ARG A 12 -33.77 -14.39 19.77
C ARG A 12 -32.75 -15.54 19.94
C ARG A 12 -32.74 -15.49 19.95
N MET A 13 -31.61 -15.34 19.28
CA MET A 13 -30.50 -16.26 19.50
C MET A 13 -29.87 -15.96 20.86
N ALA A 14 -29.02 -16.87 21.30
CA ALA A 14 -28.12 -16.60 22.41
C ALA A 14 -27.34 -15.32 22.17
N GLU A 15 -26.99 -14.61 23.25
CA GLU A 15 -26.14 -13.44 23.13
C GLU A 15 -24.82 -13.85 22.49
N GLN A 16 -24.35 -13.05 21.53
CA GLN A 16 -23.16 -13.41 20.77
C GLN A 16 -21.95 -12.80 21.45
N GLN A 17 -20.91 -13.61 21.61
CA GLN A 17 -19.71 -13.21 22.32
C GLN A 17 -18.58 -12.94 21.33
N LEU A 18 -17.41 -12.59 21.86
CA LEU A 18 -16.22 -12.45 21.04
C LEU A 18 -15.61 -13.83 20.78
N TYR A 19 -14.77 -13.93 19.73
CA TYR A 19 -14.05 -15.16 19.44
C TYR A 19 -12.56 -14.88 19.48
N ILE A 20 -11.92 -15.32 20.56
CA ILE A 20 -10.51 -15.09 20.78
C ILE A 20 -9.83 -16.38 21.19
N HIS A 21 -8.78 -16.74 20.46
CA HIS A 21 -7.94 -17.86 20.78
C HIS A 21 -8.70 -19.19 20.83
N GLY A 22 -9.46 -19.45 19.79
CA GLY A 22 -10.11 -20.75 19.68
C GLY A 22 -11.32 -20.98 20.56
N LYS A 23 -11.93 -19.92 21.09
CA LYS A 23 -13.12 -20.10 21.92
C LYS A 23 -13.90 -18.79 21.97
N PHE A 24 -15.17 -18.91 22.28
CA PHE A 24 -15.97 -17.73 22.59
C PHE A 24 -15.62 -17.22 23.98
N VAL A 25 -15.56 -15.89 24.11
CA VAL A 25 -15.22 -15.26 25.37
C VAL A 25 -16.06 -14.01 25.52
N ALA A 26 -16.51 -13.75 26.74
CA ALA A 26 -17.28 -12.55 27.03
C ALA A 26 -16.42 -11.31 26.86
N ALA A 27 -17.00 -10.29 26.26
CA ALA A 27 -16.39 -8.98 26.16
C ALA A 27 -16.32 -8.32 27.53
N THR A 28 -15.45 -7.30 27.65
CA THR A 28 -15.30 -6.55 28.88
C THR A 28 -15.51 -5.06 28.63
N SER A 29 -16.28 -4.74 27.58
CA SER A 29 -16.52 -3.36 27.19
C SER A 29 -17.71 -2.72 27.89
N GLY A 30 -18.65 -3.52 28.41
CA GLY A 30 -19.91 -2.96 28.83
C GLY A 30 -20.82 -2.57 27.68
N LYS A 31 -20.47 -2.93 26.45
CA LYS A 31 -21.17 -2.48 25.25
C LYS A 31 -21.76 -3.67 24.52
N THR A 32 -23.06 -3.59 24.21
CA THR A 32 -23.71 -4.50 23.29
C THR A 32 -24.46 -3.71 22.22
N PHE A 33 -24.87 -4.43 21.17
CA PHE A 33 -25.69 -3.85 20.12
C PHE A 33 -26.58 -4.97 19.59
N GLU A 34 -27.66 -4.62 18.92
CA GLU A 34 -28.56 -5.63 18.35
C GLU A 34 -28.37 -5.75 16.84
N THR A 35 -28.44 -6.99 16.32
CA THR A 35 -28.61 -7.20 14.90
C THR A 35 -30.07 -7.56 14.64
N ILE A 36 -30.65 -6.89 13.65
CA ILE A 36 -32.07 -6.96 13.30
C ILE A 36 -32.26 -7.76 12.01
N ASN A 37 -33.29 -8.60 11.98
CA ASN A 37 -33.71 -9.24 10.73
C ASN A 37 -34.38 -8.20 9.85
N PRO A 38 -33.80 -7.78 8.73
CA PRO A 38 -34.42 -6.70 7.94
C PRO A 38 -35.71 -7.08 7.24
N ALA A 39 -36.07 -8.37 7.20
CA ALA A 39 -37.35 -8.77 6.61
C ALA A 39 -38.52 -8.64 7.58
N THR A 40 -38.23 -8.58 8.87
CA THR A 40 -39.28 -8.60 9.88
C THR A 40 -39.14 -7.55 10.96
N GLY A 41 -37.97 -6.95 11.13
CA GLY A 41 -37.74 -6.05 12.24
C GLY A 41 -37.45 -6.71 13.57
N GLU A 42 -37.58 -8.03 13.68
CA GLU A 42 -37.32 -8.67 14.96
C GLU A 42 -35.80 -8.70 15.22
N VAL A 43 -35.45 -8.68 16.52
CA VAL A 43 -34.06 -8.85 16.91
C VAL A 43 -33.63 -10.29 16.69
N LEU A 44 -32.50 -10.46 15.99
CA LEU A 44 -31.90 -11.79 15.86
C LEU A 44 -31.07 -12.13 17.08
N ALA A 45 -30.26 -11.18 17.56
CA ALA A 45 -29.38 -11.47 18.67
C ALA A 45 -28.88 -10.15 19.23
N THR A 46 -28.63 -10.17 20.53
CA THR A 46 -27.76 -9.19 21.16
C THR A 46 -26.32 -9.62 20.94
N VAL A 47 -25.45 -8.65 20.67
CA VAL A 47 -24.07 -8.93 20.28
C VAL A 47 -23.16 -8.08 21.17
N GLN A 48 -22.16 -8.72 21.74
CA GLN A 48 -21.16 -8.03 22.54
C GLN A 48 -20.11 -7.37 21.66
N ALA A 49 -19.68 -6.17 22.06
CA ALA A 49 -18.67 -5.40 21.35
C ALA A 49 -17.34 -5.47 22.09
N ALA A 50 -16.26 -5.70 21.34
CA ALA A 50 -14.93 -5.75 21.93
C ALA A 50 -14.46 -4.37 22.38
N GLY A 51 -13.97 -4.29 23.60
CA GLY A 51 -13.40 -3.06 24.12
C GLY A 51 -11.92 -2.97 23.81
N ARG A 52 -11.30 -1.93 24.34
N ARG A 52 -11.30 -1.93 24.34
CA ARG A 52 -9.88 -1.72 24.03
CA ARG A 52 -9.88 -1.71 24.07
C ARG A 52 -9.03 -2.85 24.62
C ARG A 52 -9.04 -2.85 24.62
N GLU A 53 -9.33 -3.26 25.85
CA GLU A 53 -8.58 -4.36 26.46
C GLU A 53 -8.85 -5.67 25.74
N ASP A 54 -10.08 -5.87 25.27
CA ASP A 54 -10.39 -7.06 24.49
C ASP A 54 -9.56 -7.09 23.21
N VAL A 55 -9.42 -5.93 22.55
CA VAL A 55 -8.61 -5.88 21.34
C VAL A 55 -7.16 -6.24 21.65
N ASP A 56 -6.64 -5.69 22.74
CA ASP A 56 -5.26 -6.00 23.11
C ASP A 56 -5.07 -7.49 23.36
N ARG A 57 -6.03 -8.14 24.04
CA ARG A 57 -5.92 -9.57 24.24
C ARG A 57 -5.97 -10.33 22.91
N ALA A 58 -6.81 -9.87 21.99
CA ALA A 58 -6.93 -10.53 20.70
C ALA A 58 -5.63 -10.44 19.92
N VAL A 59 -4.94 -9.31 20.01
CA VAL A 59 -3.66 -9.15 19.33
C VAL A 59 -2.62 -10.08 19.94
N LYS A 60 -2.57 -10.16 21.27
CA LYS A 60 -1.60 -11.06 21.90
C LYS A 60 -1.89 -12.52 21.58
N SER A 61 -3.17 -12.90 21.55
CA SER A 61 -3.57 -14.22 21.05
C SER A 61 -3.09 -14.43 19.61
N ALA A 62 -3.25 -13.41 18.76
CA ALA A 62 -2.88 -13.54 17.36
C ALA A 62 -1.37 -13.64 17.21
N GLN A 63 -0.62 -12.91 18.04
CA GLN A 63 0.83 -12.99 17.96
C GLN A 63 1.29 -14.39 18.30
N GLN A 64 0.66 -15.01 19.30
CA GLN A 64 1.04 -16.36 19.69
C GLN A 64 0.63 -17.37 18.63
N GLY A 65 -0.58 -17.23 18.09
CA GLY A 65 -1.03 -18.20 17.11
C GLY A 65 -0.27 -18.09 15.81
N GLN A 66 0.11 -16.87 15.42
CA GLN A 66 0.82 -16.68 14.17
C GLN A 66 2.14 -17.44 14.19
N LYS A 67 2.82 -17.47 15.34
CA LYS A 67 4.12 -18.14 15.39
C LYS A 67 3.97 -19.63 15.19
N VAL A 68 2.92 -20.22 15.75
CA VAL A 68 2.66 -21.63 15.54
C VAL A 68 2.36 -21.91 14.07
N TRP A 69 1.52 -21.07 13.48
CA TRP A 69 1.05 -21.26 12.12
C TRP A 69 2.19 -21.10 11.12
N ALA A 70 3.04 -20.09 11.33
CA ALA A 70 4.12 -19.82 10.39
C ALA A 70 5.22 -20.86 10.46
N ALA A 71 5.34 -21.57 11.57
CA ALA A 71 6.35 -22.61 11.71
C ALA A 71 5.95 -23.94 11.09
N MET A 72 4.69 -24.11 10.73
N MET A 72 4.68 -24.12 10.76
CA MET A 72 4.29 -25.34 10.04
CA MET A 72 4.23 -25.29 10.01
C MET A 72 4.69 -25.27 8.58
C MET A 72 4.86 -25.30 8.62
N SER A 73 4.79 -26.44 7.95
CA SER A 73 5.14 -26.48 6.53
C SER A 73 4.07 -25.81 5.68
N ALA A 74 4.46 -25.45 4.45
CA ALA A 74 3.49 -24.86 3.53
C ALA A 74 2.34 -25.82 3.25
N MET A 75 2.65 -27.10 3.06
CA MET A 75 1.59 -28.06 2.73
C MET A 75 0.72 -28.33 3.96
N ALA A 76 1.28 -28.32 5.17
CA ALA A 76 0.46 -28.45 6.36
C ALA A 76 -0.55 -27.30 6.44
N ARG A 77 -0.12 -26.08 6.14
CA ARG A 77 -1.06 -24.95 6.05
C ARG A 77 -2.10 -25.18 4.96
N SER A 78 -1.66 -25.63 3.78
N SER A 78 -1.67 -25.62 3.78
CA SER A 78 -2.59 -25.87 2.67
CA SER A 78 -2.62 -25.85 2.69
C SER A 78 -3.67 -26.86 3.05
C SER A 78 -3.71 -26.84 3.10
N ARG A 79 -3.29 -27.94 3.73
CA ARG A 79 -4.26 -28.97 4.13
C ARG A 79 -5.29 -28.45 5.11
N ILE A 80 -4.87 -27.60 6.05
CA ILE A 80 -5.80 -27.08 7.05
C ILE A 80 -6.80 -26.14 6.40
N LEU A 81 -6.36 -25.28 5.49
CA LEU A 81 -7.29 -24.41 4.79
C LEU A 81 -8.23 -25.20 3.88
N ARG A 82 -7.73 -26.28 3.26
CA ARG A 82 -8.62 -27.14 2.46
C ARG A 82 -9.66 -27.84 3.35
N LYS A 83 -9.29 -28.23 4.58
CA LYS A 83 -10.27 -28.82 5.47
C LYS A 83 -11.38 -27.82 5.80
N ALA A 84 -11.02 -26.55 5.97
CA ALA A 84 -12.04 -25.53 6.20
C ALA A 84 -12.93 -25.37 4.97
N VAL A 85 -12.33 -25.37 3.78
CA VAL A 85 -13.14 -25.37 2.54
C VAL A 85 -14.15 -26.51 2.58
N ASP A 86 -13.69 -27.72 2.90
CA ASP A 86 -14.60 -28.85 2.89
C ASP A 86 -15.76 -28.63 3.85
N ILE A 87 -15.48 -28.11 5.05
CA ILE A 87 -16.54 -27.85 6.01
C ILE A 87 -17.50 -26.80 5.45
N LEU A 88 -16.97 -25.77 4.80
CA LEU A 88 -17.83 -24.71 4.26
C LEU A 88 -18.75 -25.25 3.18
N ARG A 89 -18.26 -26.18 2.35
CA ARG A 89 -19.12 -26.80 1.34
C ARG A 89 -20.24 -27.60 2.00
N GLU A 90 -19.91 -28.33 3.07
CA GLU A 90 -20.91 -29.17 3.75
C GLU A 90 -21.99 -28.31 4.41
N ARG A 91 -21.59 -27.17 4.99
N ARG A 91 -21.58 -27.18 5.00
CA ARG A 91 -22.49 -26.32 5.75
CA ARG A 91 -22.47 -26.31 5.77
C ARG A 91 -22.99 -25.14 4.93
C ARG A 91 -23.04 -25.18 4.93
N ASN A 92 -22.83 -25.19 3.61
CA ASN A 92 -23.25 -24.09 2.75
C ASN A 92 -24.69 -23.65 3.03
N ASP A 93 -25.62 -24.60 3.05
CA ASP A 93 -27.03 -24.22 3.16
C ASP A 93 -27.34 -23.61 4.51
N GLU A 94 -26.80 -24.21 5.59
CA GLU A 94 -26.98 -23.67 6.93
C GLU A 94 -26.40 -22.27 7.05
N LEU A 95 -25.20 -22.06 6.51
CA LEU A 95 -24.58 -20.73 6.58
C LEU A 95 -25.35 -19.72 5.74
N ALA A 96 -25.89 -20.17 4.60
CA ALA A 96 -26.65 -19.28 3.73
C ALA A 96 -27.94 -18.81 4.41
N ARG A 97 -28.65 -19.72 5.11
CA ARG A 97 -29.84 -19.33 5.86
C ARG A 97 -29.52 -18.28 6.91
N LEU A 98 -28.43 -18.47 7.66
CA LEU A 98 -28.01 -17.46 8.62
C LEU A 98 -27.69 -16.14 7.93
N GLU A 99 -26.99 -16.20 6.79
CA GLU A 99 -26.69 -14.97 6.07
C GLU A 99 -27.96 -14.28 5.60
N THR A 100 -28.92 -15.05 5.10
CA THR A 100 -30.20 -14.46 4.70
C THR A 100 -30.91 -13.80 5.89
N LEU A 101 -30.93 -14.44 7.06
CA LEU A 101 -31.55 -13.80 8.23
C LEU A 101 -30.87 -12.48 8.55
N ASP A 102 -29.53 -12.44 8.51
CA ASP A 102 -28.78 -11.29 8.97
C ASP A 102 -28.78 -10.15 7.94
N THR A 103 -28.82 -10.46 6.62
CA THR A 103 -28.66 -9.46 5.58
C THR A 103 -29.93 -9.09 4.83
N GLY A 104 -30.95 -9.95 4.81
CA GLY A 104 -32.09 -9.80 3.95
C GLY A 104 -31.89 -10.26 2.52
N LYS A 105 -30.75 -10.78 2.19
CA LYS A 105 -30.58 -11.26 0.81
C LYS A 105 -31.30 -12.60 0.63
N PRO A 106 -32.01 -12.78 -0.49
CA PRO A 106 -32.68 -14.05 -0.78
C PRO A 106 -31.75 -15.24 -0.60
N LEU A 107 -32.32 -16.33 -0.09
CA LEU A 107 -31.59 -17.58 -0.03
C LEU A 107 -31.13 -18.04 -1.42
N SER A 108 -31.88 -17.68 -2.45
CA SER A 108 -31.47 -18.03 -3.81
C SER A 108 -30.12 -17.42 -4.16
N GLU A 109 -29.75 -16.30 -3.53
CA GLU A 109 -28.41 -15.74 -3.65
C GLU A 109 -27.43 -16.35 -2.67
N THR A 110 -27.77 -16.36 -1.39
CA THR A 110 -26.77 -16.70 -0.38
C THR A 110 -26.35 -18.15 -0.52
N ALA A 111 -27.27 -19.02 -0.95
CA ALA A 111 -26.93 -20.42 -1.04
C ALA A 111 -26.17 -20.77 -2.30
N ALA A 112 -26.13 -19.85 -3.28
CA ALA A 112 -25.43 -20.11 -4.52
C ALA A 112 -24.18 -19.25 -4.70
N VAL A 113 -24.06 -18.13 -4.00
CA VAL A 113 -22.97 -17.20 -4.27
C VAL A 113 -22.10 -16.95 -3.04
N ASP A 114 -22.69 -16.50 -1.92
CA ASP A 114 -21.92 -15.95 -0.82
C ASP A 114 -20.90 -16.94 -0.26
N ILE A 115 -21.35 -18.13 0.16
CA ILE A 115 -20.38 -19.08 0.69
C ILE A 115 -19.64 -19.79 -0.44
N VAL A 116 -20.33 -20.14 -1.53
CA VAL A 116 -19.65 -20.78 -2.66
C VAL A 116 -18.40 -20.00 -3.06
N THR A 117 -18.54 -18.69 -3.32
CA THR A 117 -17.43 -17.90 -3.84
C THR A 117 -16.46 -17.51 -2.74
N GLY A 118 -16.91 -17.42 -1.50
CA GLY A 118 -15.97 -17.20 -0.43
C GLY A 118 -15.06 -18.40 -0.23
N ALA A 119 -15.65 -19.60 -0.24
CA ALA A 119 -14.86 -20.83 -0.16
C ALA A 119 -13.96 -21.02 -1.38
N ASP A 120 -14.46 -20.64 -2.56
CA ASP A 120 -13.66 -20.69 -3.79
C ASP A 120 -12.33 -19.99 -3.63
N VAL A 121 -12.36 -18.81 -3.02
CA VAL A 121 -11.12 -18.04 -2.83
C VAL A 121 -10.22 -18.69 -1.80
N LEU A 122 -10.78 -19.20 -0.70
CA LEU A 122 -9.95 -19.93 0.27
C LEU A 122 -9.31 -21.16 -0.37
N GLU A 123 -10.11 -21.90 -1.15
CA GLU A 123 -9.61 -23.08 -1.86
C GLU A 123 -8.46 -22.72 -2.80
N TYR A 124 -8.63 -21.65 -3.57
CA TYR A 124 -7.58 -21.14 -4.46
C TYR A 124 -6.27 -20.82 -3.73
N TYR A 125 -6.35 -20.01 -2.66
CA TYR A 125 -5.13 -19.68 -1.95
C TYR A 125 -4.52 -20.88 -1.24
N ALA A 126 -5.35 -21.82 -0.78
CA ALA A 126 -4.77 -22.99 -0.12
C ALA A 126 -3.80 -23.72 -1.05
N GLY A 127 -4.14 -23.82 -2.33
CA GLY A 127 -3.28 -24.52 -3.28
C GLY A 127 -2.06 -23.74 -3.69
N LEU A 128 -2.08 -22.42 -3.52
CA LEU A 128 -0.94 -21.61 -3.92
C LEU A 128 0.12 -21.48 -2.85
N ILE A 129 -0.13 -21.90 -1.61
CA ILE A 129 0.85 -21.66 -0.55
C ILE A 129 2.19 -22.24 -0.92
N PRO A 130 2.30 -23.48 -1.43
CA PRO A 130 3.63 -24.03 -1.74
C PRO A 130 4.33 -23.30 -2.86
N ALA A 131 3.64 -22.50 -3.66
CA ALA A 131 4.30 -21.84 -4.77
C ALA A 131 4.83 -20.47 -4.39
N LEU A 132 4.66 -20.05 -3.14
CA LEU A 132 5.10 -18.74 -2.70
C LEU A 132 6.61 -18.82 -2.46
N GLU A 133 7.37 -18.13 -3.29
CA GLU A 133 8.84 -18.23 -3.38
C GLU A 133 9.49 -16.85 -3.34
N GLY A 134 10.70 -16.80 -2.79
CA GLY A 134 11.59 -15.67 -3.00
C GLY A 134 12.40 -15.81 -4.28
N SER A 135 13.44 -15.00 -4.39
CA SER A 135 14.30 -14.99 -5.56
C SER A 135 15.76 -15.18 -5.17
N GLN A 136 16.59 -15.46 -6.18
CA GLN A 136 18.04 -15.48 -6.03
C GLN A 136 18.61 -14.66 -7.18
N ILE A 137 19.53 -13.76 -6.86
CA ILE A 137 20.12 -12.85 -7.83
C ILE A 137 21.64 -12.97 -7.80
N PRO A 138 22.28 -13.46 -8.85
CA PRO A 138 23.75 -13.52 -8.85
C PRO A 138 24.31 -12.13 -9.08
N LEU A 139 25.32 -11.76 -8.30
CA LEU A 139 25.93 -10.45 -8.48
C LEU A 139 27.25 -10.59 -9.21
N ARG A 140 28.04 -11.56 -8.78
CA ARG A 140 29.36 -11.84 -9.31
C ARG A 140 29.75 -13.19 -8.73
N ASP A 141 30.91 -13.71 -9.15
CA ASP A 141 31.25 -15.06 -8.69
C ASP A 141 31.34 -15.11 -7.16
N SER A 142 31.70 -14.00 -6.53
CA SER A 142 31.94 -13.94 -5.10
C SER A 142 30.74 -13.47 -4.27
N SER A 143 29.59 -13.15 -4.88
CA SER A 143 28.48 -12.65 -4.10
C SER A 143 27.15 -12.90 -4.80
N PHE A 144 26.13 -13.20 -4.00
CA PHE A 144 24.78 -13.34 -4.49
C PHE A 144 23.80 -12.84 -3.44
N VAL A 145 22.59 -12.58 -3.92
CA VAL A 145 21.48 -12.08 -3.11
C VAL A 145 20.37 -13.12 -3.18
N TYR A 146 19.72 -13.40 -2.06
CA TYR A 146 18.45 -14.11 -2.08
C TYR A 146 17.43 -13.34 -1.24
N THR A 147 16.15 -13.56 -1.55
CA THR A 147 15.09 -12.87 -0.84
C THR A 147 14.17 -13.90 -0.19
N ARG A 148 13.60 -13.52 0.93
CA ARG A 148 12.56 -14.29 1.60
C ARG A 148 11.29 -13.47 1.60
N ARG A 149 10.16 -14.15 1.45
CA ARG A 149 8.85 -13.51 1.59
C ARG A 149 8.33 -13.88 2.97
N GLU A 150 8.43 -13.03 3.85
CA GLU A 150 8.13 -13.37 5.22
C GLU A 150 6.75 -12.88 5.61
N PRO A 151 6.06 -13.56 6.53
CA PRO A 151 4.76 -13.04 7.00
C PRO A 151 4.92 -11.68 7.65
N LEU A 152 3.85 -10.86 7.55
CA LEU A 152 3.81 -9.56 8.20
C LEU A 152 3.64 -9.70 9.71
N GLY A 153 2.88 -10.69 10.14
CA GLY A 153 2.59 -10.88 11.54
C GLY A 153 1.10 -10.90 11.80
N VAL A 154 0.58 -9.86 12.44
CA VAL A 154 -0.84 -9.79 12.78
C VAL A 154 -1.46 -8.72 11.89
N VAL A 155 -2.51 -9.09 11.15
CA VAL A 155 -3.19 -8.16 10.27
C VAL A 155 -4.65 -8.03 10.70
N ALA A 156 -5.27 -6.91 10.31
CA ALA A 156 -6.66 -6.63 10.64
C ALA A 156 -7.52 -6.53 9.39
N GLY A 157 -8.66 -7.22 9.39
CA GLY A 157 -9.66 -7.10 8.35
C GLY A 157 -10.92 -6.46 8.91
N ILE A 158 -11.42 -5.45 8.21
CA ILE A 158 -12.61 -4.73 8.63
C ILE A 158 -13.65 -4.90 7.53
N GLY A 159 -14.80 -5.50 7.88
CA GLY A 159 -15.75 -5.97 6.89
C GLY A 159 -16.99 -5.10 6.76
N ALA A 160 -17.73 -5.35 5.67
CA ALA A 160 -18.95 -4.59 5.36
C ALA A 160 -20.16 -5.52 5.46
N TRP A 161 -21.35 -4.94 5.38
CA TRP A 161 -22.56 -5.70 5.65
C TRP A 161 -23.21 -6.32 4.43
N ASN A 162 -22.70 -6.10 3.22
CA ASN A 162 -23.48 -6.61 2.09
C ASN A 162 -23.16 -8.06 1.72
N TYR A 163 -21.90 -8.49 1.87
CA TYR A 163 -21.48 -9.88 1.68
C TYR A 163 -20.65 -10.29 2.88
N PRO A 164 -21.28 -10.49 4.02
CA PRO A 164 -20.49 -10.63 5.26
C PRO A 164 -19.53 -11.81 5.27
N ILE A 165 -20.00 -13.03 5.02
CA ILE A 165 -19.06 -14.14 5.14
C ILE A 165 -18.11 -14.20 3.95
N GLN A 166 -18.55 -13.75 2.78
CA GLN A 166 -17.66 -13.68 1.62
C GLN A 166 -16.49 -12.74 1.89
N ILE A 167 -16.79 -11.55 2.41
CA ILE A 167 -15.72 -10.61 2.75
C ILE A 167 -14.76 -11.23 3.75
N ALA A 168 -15.29 -11.89 4.79
CA ALA A 168 -14.43 -12.50 5.81
C ALA A 168 -13.51 -13.55 5.18
N LEU A 169 -14.02 -14.34 4.25
CA LEU A 169 -13.21 -15.34 3.56
C LEU A 169 -12.23 -14.70 2.59
N TRP A 170 -12.66 -13.67 1.86
CA TRP A 170 -11.74 -13.08 0.88
C TRP A 170 -10.61 -12.32 1.55
N LYS A 171 -10.82 -11.79 2.75
CA LYS A 171 -9.72 -11.12 3.48
C LYS A 171 -8.86 -12.12 4.21
N SER A 172 -9.48 -13.06 4.91
CA SER A 172 -8.71 -13.98 5.73
C SER A 172 -7.92 -14.97 4.89
N ALA A 173 -8.44 -15.36 3.72
CA ALA A 173 -7.82 -16.45 2.98
C ALA A 173 -6.39 -16.12 2.54
N PRO A 174 -6.12 -14.98 1.87
CA PRO A 174 -4.72 -14.68 1.52
C PRO A 174 -3.88 -14.34 2.74
N ALA A 175 -4.44 -13.66 3.74
CA ALA A 175 -3.68 -13.35 4.94
C ALA A 175 -3.18 -14.63 5.63
N LEU A 176 -4.09 -15.58 5.85
CA LEU A 176 -3.71 -16.83 6.49
C LEU A 176 -2.77 -17.66 5.61
N ALA A 177 -3.00 -17.64 4.29
CA ALA A 177 -2.20 -18.47 3.39
C ALA A 177 -0.78 -17.94 3.31
N ALA A 178 -0.60 -16.63 3.46
CA ALA A 178 0.72 -16.01 3.56
C ALA A 178 1.41 -16.23 4.92
N GLY A 179 0.76 -16.90 5.86
CA GLY A 179 1.35 -17.18 7.15
C GLY A 179 1.05 -16.19 8.26
N ASN A 180 0.07 -15.32 8.09
CA ASN A 180 -0.31 -14.32 9.08
C ASN A 180 -1.45 -14.82 9.94
N ALA A 181 -1.68 -14.11 11.05
CA ALA A 181 -2.94 -14.18 11.78
C ALA A 181 -3.75 -12.95 11.40
N MET A 182 -5.07 -13.10 11.35
CA MET A 182 -5.98 -11.98 11.06
C MET A 182 -6.95 -11.80 12.21
N ILE A 183 -7.14 -10.54 12.61
CA ILE A 183 -8.23 -10.17 13.52
C ILE A 183 -9.28 -9.53 12.63
N PHE A 184 -10.48 -10.09 12.63
CA PHE A 184 -11.52 -9.65 11.71
C PHE A 184 -12.61 -8.93 12.48
N LYS A 185 -12.95 -7.73 12.02
CA LYS A 185 -13.99 -6.90 12.63
C LYS A 185 -15.18 -6.84 11.66
N PRO A 186 -16.21 -7.67 11.86
CA PRO A 186 -17.37 -7.63 10.97
C PRO A 186 -18.18 -6.36 11.16
N SER A 187 -18.97 -6.01 10.13
CA SER A 187 -19.94 -4.94 10.28
C SER A 187 -20.88 -5.22 11.44
N GLU A 188 -21.13 -4.18 12.25
CA GLU A 188 -22.10 -4.32 13.33
C GLU A 188 -23.50 -4.59 12.81
N VAL A 189 -23.75 -4.34 11.52
CA VAL A 189 -25.05 -4.64 10.95
C VAL A 189 -25.20 -6.14 10.70
N THR A 190 -24.09 -6.88 10.49
CA THR A 190 -24.13 -8.29 10.08
C THR A 190 -22.95 -9.06 10.69
N PRO A 191 -22.95 -9.23 12.02
CA PRO A 191 -21.82 -9.91 12.68
C PRO A 191 -21.89 -11.43 12.72
N LEU A 192 -22.99 -12.06 12.33
CA LEU A 192 -23.23 -13.41 12.79
C LEU A 192 -22.41 -14.47 12.05
N THR A 193 -22.30 -14.40 10.72
CA THR A 193 -21.62 -15.47 9.99
C THR A 193 -20.11 -15.44 10.22
N ALA A 194 -19.55 -14.27 10.52
CA ALA A 194 -18.12 -14.22 10.83
C ALA A 194 -17.79 -15.05 12.06
N LEU A 195 -18.67 -15.02 13.07
CA LEU A 195 -18.47 -15.86 14.26
C LEU A 195 -18.54 -17.35 13.92
N LYS A 196 -19.44 -17.75 13.00
CA LYS A 196 -19.48 -19.13 12.53
C LYS A 196 -18.18 -19.51 11.84
N LEU A 197 -17.65 -18.61 11.02
CA LEU A 197 -16.43 -18.91 10.28
C LEU A 197 -15.28 -19.19 11.22
N ALA A 198 -15.15 -18.39 12.28
CA ALA A 198 -14.09 -18.63 13.26
C ALA A 198 -14.18 -20.04 13.85
N GLU A 199 -15.38 -20.51 14.14
CA GLU A 199 -15.55 -21.88 14.64
C GLU A 199 -15.11 -22.91 13.62
N ILE A 200 -15.49 -22.68 12.36
CA ILE A 200 -15.13 -23.60 11.28
C ILE A 200 -13.62 -23.66 11.14
N TYR A 201 -12.95 -22.51 11.21
CA TYR A 201 -11.50 -22.54 11.08
C TYR A 201 -10.89 -23.36 12.20
N ARG A 202 -11.38 -23.21 13.43
CA ARG A 202 -10.87 -24.03 14.52
C ARG A 202 -11.10 -25.52 14.24
N GLU A 203 -12.32 -25.87 13.80
N GLU A 203 -12.32 -25.86 13.80
CA GLU A 203 -12.61 -27.28 13.56
CA GLU A 203 -12.67 -27.25 13.53
C GLU A 203 -11.72 -27.87 12.48
C GLU A 203 -11.74 -27.85 12.48
N ALA A 204 -11.23 -27.03 11.56
CA ALA A 204 -10.36 -27.49 10.49
C ALA A 204 -8.91 -27.66 10.91
N GLY A 205 -8.54 -27.23 12.11
CA GLY A 205 -7.18 -27.34 12.60
C GLY A 205 -6.39 -26.07 12.60
N LEU A 206 -7.01 -24.93 12.35
CA LEU A 206 -6.28 -23.67 12.38
C LEU A 206 -5.83 -23.43 13.81
N PRO A 207 -4.57 -23.06 14.02
CA PRO A 207 -4.11 -22.86 15.40
C PRO A 207 -4.88 -21.73 16.08
N ASP A 208 -5.13 -21.94 17.37
CA ASP A 208 -5.78 -20.93 18.18
C ASP A 208 -5.09 -19.58 18.03
N GLY A 209 -5.90 -18.53 17.80
CA GLY A 209 -5.43 -17.17 17.67
C GLY A 209 -5.22 -16.70 16.24
N VAL A 210 -5.18 -17.62 15.27
CA VAL A 210 -4.86 -17.21 13.92
C VAL A 210 -6.04 -16.51 13.25
N PHE A 211 -7.28 -16.81 13.67
CA PHE A 211 -8.44 -16.06 13.20
C PHE A 211 -9.32 -15.74 14.39
N ASN A 212 -9.18 -14.51 14.90
CA ASN A 212 -10.02 -13.97 15.97
C ASN A 212 -11.03 -13.03 15.37
N VAL A 213 -12.25 -13.01 15.92
CA VAL A 213 -13.35 -12.22 15.38
C VAL A 213 -13.87 -11.32 16.49
N LEU A 214 -13.93 -10.01 16.21
CA LEU A 214 -14.30 -9.00 17.18
C LEU A 214 -15.47 -8.15 16.68
N PRO A 215 -16.71 -8.53 16.99
CA PRO A 215 -17.82 -7.63 16.70
C PRO A 215 -17.66 -6.33 17.48
N GLY A 216 -18.29 -5.28 16.97
CA GLY A 216 -18.32 -4.01 17.64
C GLY A 216 -18.55 -2.87 16.67
N ILE A 217 -18.70 -1.70 17.23
CA ILE A 217 -19.02 -0.50 16.48
C ILE A 217 -17.75 0.06 15.83
N GLY A 218 -17.90 0.56 14.61
CA GLY A 218 -16.74 1.05 13.88
C GLY A 218 -15.94 2.08 14.65
N ALA A 219 -16.61 3.11 15.16
CA ALA A 219 -15.89 4.19 15.84
C ALA A 219 -15.27 3.75 17.17
N GLU A 220 -15.62 2.57 17.68
CA GLU A 220 -15.05 2.08 18.92
C GLU A 220 -14.15 0.91 18.56
N THR A 221 -14.65 -0.32 18.50
CA THR A 221 -13.84 -1.49 18.20
C THR A 221 -12.95 -1.30 16.96
N GLY A 222 -13.54 -0.85 15.85
CA GLY A 222 -12.76 -0.72 14.62
C GLY A 222 -11.59 0.22 14.79
N GLN A 223 -11.81 1.34 15.47
CA GLN A 223 -10.73 2.29 15.72
C GLN A 223 -9.70 1.73 16.69
N TYR A 224 -10.14 0.94 17.67
CA TYR A 224 -9.14 0.34 18.56
C TYR A 224 -8.20 -0.54 17.78
N LEU A 225 -8.71 -1.23 16.75
CA LEU A 225 -7.87 -2.07 15.91
C LEU A 225 -6.93 -1.24 15.05
N THR A 226 -7.46 -0.22 14.38
CA THR A 226 -6.62 0.58 13.49
C THR A 226 -5.51 1.27 14.26
N GLU A 227 -5.73 1.54 15.56
CA GLU A 227 -4.74 2.24 16.37
C GLU A 227 -3.72 1.33 17.03
N HIS A 228 -3.95 0.04 17.07
CA HIS A 228 -3.11 -0.82 17.87
C HIS A 228 -1.70 -0.87 17.31
N PRO A 229 -0.67 -0.80 18.16
CA PRO A 229 0.71 -0.69 17.66
C PRO A 229 1.25 -1.95 17.06
N ASP A 230 0.63 -3.10 17.29
CA ASP A 230 1.19 -4.37 16.81
C ASP A 230 0.44 -4.93 15.62
N ILE A 231 -0.39 -4.13 14.96
CA ILE A 231 -1.06 -4.56 13.75
C ILE A 231 -0.26 -4.05 12.56
N ALA A 232 0.08 -4.97 11.66
CA ALA A 232 1.02 -4.66 10.59
C ALA A 232 0.35 -4.16 9.32
N LYS A 233 -0.94 -4.38 9.17
CA LYS A 233 -1.65 -4.10 7.92
C LYS A 233 -3.13 -4.12 8.18
N ILE A 234 -3.86 -3.26 7.47
CA ILE A 234 -5.31 -3.20 7.55
C ILE A 234 -5.89 -3.35 6.15
N SER A 235 -6.88 -4.20 6.03
CA SER A 235 -7.65 -4.38 4.81
C SER A 235 -9.10 -4.03 5.10
N PHE A 236 -9.61 -3.00 4.42
CA PHE A 236 -10.89 -2.38 4.70
C PHE A 236 -11.81 -2.47 3.50
N THR A 237 -13.06 -2.87 3.72
CA THR A 237 -14.15 -2.76 2.75
C THR A 237 -15.28 -1.93 3.34
N GLY A 238 -15.75 -0.93 2.62
CA GLY A 238 -16.86 -0.15 3.13
C GLY A 238 -16.98 1.16 2.37
N GLY A 239 -17.61 2.13 3.04
CA GLY A 239 -17.88 3.41 2.41
C GLY A 239 -16.69 4.36 2.47
N VAL A 240 -16.77 5.40 1.64
CA VAL A 240 -15.68 6.36 1.55
C VAL A 240 -15.48 7.09 2.86
N ALA A 241 -16.59 7.47 3.53
CA ALA A 241 -16.46 8.24 4.76
C ALA A 241 -15.70 7.45 5.83
N SER A 242 -16.10 6.20 6.07
CA SER A 242 -15.41 5.40 7.05
C SER A 242 -13.99 5.04 6.59
N GLY A 243 -13.82 4.81 5.29
CA GLY A 243 -12.47 4.54 4.78
C GLY A 243 -11.50 5.67 5.08
N LYS A 244 -11.98 6.91 5.02
CA LYS A 244 -11.12 8.05 5.30
C LYS A 244 -10.76 8.11 6.80
N LYS A 245 -11.71 7.73 7.66
CA LYS A 245 -11.40 7.68 9.09
C LYS A 245 -10.36 6.62 9.37
N VAL A 246 -10.47 5.47 8.70
CA VAL A 246 -9.50 4.40 8.87
C VAL A 246 -8.12 4.84 8.40
N MET A 247 -8.07 5.49 7.23
CA MET A 247 -6.78 5.98 6.74
C MET A 247 -6.20 7.00 7.71
N ALA A 248 -7.04 7.92 8.20
CA ALA A 248 -6.51 8.96 9.09
C ALA A 248 -6.04 8.35 10.40
N ASN A 249 -6.86 7.48 11.01
N ASN A 249 -6.82 7.44 10.98
CA ASN A 249 -6.50 6.91 12.30
CA ASN A 249 -6.43 6.89 12.27
C ASN A 249 -5.26 6.03 12.21
C ASN A 249 -5.22 5.95 12.14
N SER A 250 -5.14 5.26 11.12
N SER A 250 -5.13 5.20 11.03
CA SER A 250 -3.95 4.42 10.93
CA SER A 250 -3.95 4.38 10.80
C SER A 250 -2.71 5.28 10.70
C SER A 250 -2.71 5.23 10.64
N ALA A 251 -2.82 6.35 9.92
CA ALA A 251 -1.69 7.24 9.72
C ALA A 251 -1.21 7.85 11.03
N ALA A 252 -2.12 8.12 11.97
CA ALA A 252 -1.76 8.71 13.24
C ALA A 252 -1.16 7.68 14.20
N SER A 253 -1.19 6.40 13.86
N SER A 253 -1.21 6.40 13.86
CA SER A 253 -0.77 5.33 14.75
CA SER A 253 -0.73 5.36 14.76
C SER A 253 0.49 4.65 14.19
C SER A 253 0.45 4.61 14.13
N SER A 254 0.77 3.43 14.66
CA SER A 254 1.92 2.68 14.18
C SER A 254 1.92 2.59 12.66
N LEU A 255 3.08 2.79 12.05
CA LEU A 255 3.19 2.69 10.61
C LEU A 255 2.66 1.34 10.12
N LYS A 256 1.71 1.36 9.17
CA LYS A 256 1.11 0.15 8.63
C LYS A 256 0.62 0.42 7.22
N GLU A 257 0.60 -0.63 6.38
CA GLU A 257 -0.04 -0.58 5.07
C GLU A 257 -1.54 -0.69 5.23
N VAL A 258 -2.26 0.02 4.38
CA VAL A 258 -3.72 0.00 4.39
C VAL A 258 -4.19 -0.24 2.96
N THR A 259 -5.07 -1.24 2.78
CA THR A 259 -5.73 -1.49 1.51
C THR A 259 -7.22 -1.31 1.69
N MET A 260 -7.89 -0.87 0.62
N MET A 260 -7.88 -0.83 0.63
CA MET A 260 -9.26 -0.43 0.74
CA MET A 260 -9.26 -0.37 0.72
C MET A 260 -10.05 -0.65 -0.53
C MET A 260 -10.04 -0.70 -0.54
N GLU A 261 -11.28 -1.13 -0.37
CA GLU A 261 -12.28 -1.15 -1.45
C GLU A 261 -13.47 -0.34 -0.98
N LEU A 262 -13.78 0.77 -1.69
CA LEU A 262 -14.67 1.82 -1.21
C LEU A 262 -15.89 2.07 -2.09
N GLY A 263 -16.29 1.14 -2.93
CA GLY A 263 -17.47 1.38 -3.74
C GLY A 263 -17.22 2.28 -4.93
N GLY A 264 -18.31 2.60 -5.64
CA GLY A 264 -18.13 3.40 -6.83
C GLY A 264 -19.43 3.82 -7.46
N LYS A 265 -19.30 4.29 -8.70
CA LYS A 265 -20.43 4.68 -9.52
C LYS A 265 -20.10 4.21 -10.94
N SER A 266 -20.10 2.91 -11.08
CA SER A 266 -19.53 2.25 -12.24
C SER A 266 -20.43 2.41 -13.46
N PRO A 267 -19.85 2.67 -14.64
CA PRO A 267 -20.65 2.82 -15.86
C PRO A 267 -20.79 1.51 -16.63
N LEU A 268 -21.98 1.34 -17.19
CA LEU A 268 -22.31 0.30 -18.17
C LEU A 268 -22.56 0.98 -19.51
N ILE A 269 -21.68 0.74 -20.47
CA ILE A 269 -21.75 1.39 -21.78
C ILE A 269 -22.40 0.41 -22.74
N ILE A 270 -23.59 0.75 -23.18
CA ILE A 270 -24.30 0.01 -24.22
C ILE A 270 -23.89 0.62 -25.56
N ALA A 271 -23.20 -0.15 -26.38
CA ALA A 271 -22.71 0.35 -27.65
C ALA A 271 -23.84 0.43 -28.69
N GLU A 272 -23.57 1.18 -29.75
CA GLU A 272 -24.55 1.42 -30.78
C GLU A 272 -24.89 0.16 -31.56
N ASP A 273 -24.08 -0.89 -31.46
CA ASP A 273 -24.35 -2.14 -32.16
C ASP A 273 -24.80 -3.26 -31.23
N ALA A 274 -25.16 -2.92 -30.00
CA ALA A 274 -25.50 -3.92 -29.01
C ALA A 274 -26.89 -4.48 -29.27
N ASN A 275 -27.05 -5.77 -29.00
CA ASN A 275 -28.40 -6.36 -28.89
C ASN A 275 -29.04 -5.88 -27.59
N LEU A 276 -30.25 -5.31 -27.69
CA LEU A 276 -30.86 -4.62 -26.56
C LEU A 276 -31.46 -5.57 -25.54
N ASP A 277 -31.77 -6.81 -25.92
CA ASP A 277 -32.17 -7.78 -24.90
C ASP A 277 -30.98 -8.16 -24.03
N LEU A 278 -29.81 -8.39 -24.65
CA LEU A 278 -28.61 -8.67 -23.87
C LEU A 278 -28.25 -7.46 -23.01
N ALA A 279 -28.28 -6.28 -23.59
CA ALA A 279 -27.97 -5.08 -22.84
C ALA A 279 -28.87 -4.96 -21.63
N ALA A 280 -30.17 -5.21 -21.82
CA ALA A 280 -31.11 -5.04 -20.73
C ALA A 280 -30.87 -6.11 -19.67
N ASP A 281 -30.54 -7.32 -20.09
CA ASP A 281 -30.23 -8.37 -19.12
C ASP A 281 -29.01 -8.03 -18.30
N ILE A 282 -27.99 -7.45 -18.94
CA ILE A 282 -26.78 -7.05 -18.22
C ILE A 282 -27.09 -5.92 -17.26
N ALA A 283 -27.85 -4.92 -17.74
CA ALA A 283 -28.24 -3.77 -16.92
C ALA A 283 -29.03 -4.19 -15.70
N MET A 284 -29.86 -5.24 -15.82
CA MET A 284 -30.64 -5.72 -14.68
C MET A 284 -29.73 -6.37 -13.66
N MET A 285 -28.79 -7.19 -14.13
CA MET A 285 -27.89 -7.87 -13.21
C MET A 285 -26.88 -6.92 -12.59
N ALA A 286 -26.61 -5.81 -13.26
CA ALA A 286 -25.68 -4.81 -12.77
C ALA A 286 -26.30 -3.85 -11.78
N ASN A 287 -27.62 -3.91 -11.56
CA ASN A 287 -28.31 -2.95 -10.72
C ASN A 287 -29.18 -3.54 -9.61
N PHE A 288 -29.74 -4.73 -9.79
CA PHE A 288 -30.75 -5.22 -8.85
C PHE A 288 -30.38 -6.50 -8.14
N TYR A 289 -29.17 -7.02 -8.34
CA TYR A 289 -28.73 -8.15 -7.52
C TYR A 289 -28.44 -7.66 -6.10
N SER A 290 -28.67 -8.55 -5.13
CA SER A 290 -28.59 -8.22 -3.72
C SER A 290 -29.29 -6.89 -3.48
N SER A 291 -30.44 -6.71 -4.13
CA SER A 291 -31.28 -5.52 -3.95
C SER A 291 -30.51 -4.22 -4.17
N GLY A 292 -29.56 -4.26 -5.09
CA GLY A 292 -28.78 -3.11 -5.44
C GLY A 292 -27.62 -2.81 -4.51
N GLN A 293 -27.27 -3.73 -3.62
CA GLN A 293 -26.29 -3.46 -2.57
C GLN A 293 -24.96 -4.14 -2.89
N VAL A 294 -24.38 -3.78 -4.04
CA VAL A 294 -23.12 -4.38 -4.52
C VAL A 294 -22.20 -3.24 -4.94
N CYS A 295 -20.96 -3.27 -4.44
CA CYS A 295 -20.04 -2.17 -4.66
C CYS A 295 -19.75 -1.96 -6.14
N THR A 296 -19.76 -3.02 -6.93
CA THR A 296 -19.43 -2.95 -8.34
C THR A 296 -20.64 -2.67 -9.25
N ASN A 297 -21.81 -2.34 -8.72
CA ASN A 297 -22.97 -2.26 -9.61
C ASN A 297 -22.79 -1.19 -10.68
N GLY A 298 -23.33 -1.48 -11.86
CA GLY A 298 -23.31 -0.58 -13.00
C GLY A 298 -24.48 0.39 -12.98
N THR A 299 -24.39 1.37 -12.11
CA THR A 299 -25.53 2.22 -11.78
C THR A 299 -25.67 3.42 -12.68
N ARG A 300 -24.70 3.66 -13.57
CA ARG A 300 -24.85 4.62 -14.66
C ARG A 300 -24.86 3.79 -15.95
N VAL A 301 -26.05 3.66 -16.54
CA VAL A 301 -26.27 2.87 -17.74
C VAL A 301 -26.38 3.87 -18.88
N PHE A 302 -25.36 3.89 -19.75
CA PHE A 302 -25.27 4.78 -20.89
C PHE A 302 -25.84 4.08 -22.13
N VAL A 303 -26.88 4.66 -22.70
CA VAL A 303 -27.57 4.03 -23.84
C VAL A 303 -27.54 5.02 -25.01
N PRO A 304 -27.28 4.57 -26.23
CA PRO A 304 -27.38 5.47 -27.39
C PRO A 304 -28.76 6.11 -27.47
N ALA A 305 -28.77 7.40 -27.76
CA ALA A 305 -30.05 8.13 -27.87
C ALA A 305 -31.02 7.39 -28.78
N LYS A 306 -30.54 6.87 -29.90
CA LYS A 306 -31.42 6.24 -30.88
C LYS A 306 -32.10 5.00 -30.32
N PHE A 307 -31.54 4.40 -29.27
CA PHE A 307 -32.04 3.16 -28.69
C PHE A 307 -32.76 3.37 -27.36
N LYS A 308 -32.80 4.60 -26.85
CA LYS A 308 -33.25 4.81 -25.48
C LYS A 308 -34.69 4.38 -25.28
N ALA A 309 -35.59 4.77 -26.19
CA ALA A 309 -36.99 4.39 -26.03
C ALA A 309 -37.17 2.87 -25.98
N GLU A 310 -36.58 2.15 -26.94
CA GLU A 310 -36.72 0.70 -26.93
C GLU A 310 -36.06 0.10 -25.69
N PHE A 311 -34.91 0.61 -25.31
CA PHE A 311 -34.21 0.08 -24.15
C PHE A 311 -35.05 0.23 -22.89
N GLU A 312 -35.73 1.38 -22.75
CA GLU A 312 -36.57 1.62 -21.58
C GLU A 312 -37.69 0.60 -21.49
N HIS A 313 -38.30 0.24 -22.63
CA HIS A 313 -39.33 -0.79 -22.63
C HIS A 313 -38.78 -2.15 -22.21
N LYS A 314 -37.56 -2.47 -22.65
CA LYS A 314 -36.98 -3.76 -22.30
C LYS A 314 -36.65 -3.83 -20.83
N ILE A 315 -36.27 -2.69 -20.23
CA ILE A 315 -36.04 -2.65 -18.80
C ILE A 315 -37.36 -2.81 -18.05
N LEU A 316 -38.40 -2.07 -18.45
CA LEU A 316 -39.68 -2.18 -17.76
C LEU A 316 -40.20 -3.61 -17.79
N GLU A 317 -40.02 -4.30 -18.92
CA GLU A 317 -40.49 -5.68 -19.03
C GLU A 317 -39.79 -6.59 -18.03
N ARG A 318 -38.50 -6.39 -17.83
CA ARG A 318 -37.76 -7.25 -16.92
C ARG A 318 -37.95 -6.83 -15.49
N VAL A 319 -38.08 -5.53 -15.21
CA VAL A 319 -38.38 -5.12 -13.86
C VAL A 319 -39.71 -5.76 -13.42
N GLY A 320 -40.65 -5.88 -14.35
CA GLY A 320 -41.91 -6.48 -14.01
C GLY A 320 -41.84 -7.94 -13.64
N ARG A 321 -40.71 -8.59 -13.91
CA ARG A 321 -40.56 -9.98 -13.55
C ARG A 321 -39.92 -10.17 -12.20
N ILE A 322 -39.35 -9.12 -11.62
CA ILE A 322 -38.69 -9.25 -10.33
C ILE A 322 -39.67 -9.83 -9.31
N ARG A 323 -39.19 -10.75 -8.49
CA ARG A 323 -40.03 -11.48 -7.55
C ARG A 323 -39.54 -11.20 -6.14
N ALA A 324 -40.14 -10.17 -5.52
CA ALA A 324 -39.99 -9.92 -4.10
C ALA A 324 -40.93 -10.84 -3.31
N GLY A 325 -40.43 -11.37 -2.20
CA GLY A 325 -41.28 -12.23 -1.39
C GLY A 325 -40.48 -12.93 -0.30
N ASP A 326 -41.03 -14.06 0.12
CA ASP A 326 -40.42 -14.90 1.14
C ASP A 326 -38.97 -15.20 0.77
N LEU A 327 -38.04 -14.77 1.61
CA LEU A 327 -36.65 -14.91 1.24
C LEU A 327 -36.19 -16.35 1.18
N PHE A 328 -36.95 -17.29 1.73
CA PHE A 328 -36.57 -18.69 1.68
C PHE A 328 -37.27 -19.42 0.55
N ALA A 329 -38.06 -18.71 -0.25
CA ALA A 329 -38.78 -19.33 -1.35
C ALA A 329 -37.86 -19.43 -2.57
N ASP A 330 -37.94 -20.56 -3.28
CA ASP A 330 -37.08 -20.78 -4.44
C ASP A 330 -37.14 -19.64 -5.44
N ASP A 331 -38.31 -19.09 -5.65
CA ASP A 331 -38.55 -18.17 -6.74
C ASP A 331 -38.24 -16.72 -6.37
N THR A 332 -38.00 -16.43 -5.10
CA THR A 332 -37.66 -15.07 -4.72
C THR A 332 -36.28 -14.69 -5.23
N ASN A 333 -36.18 -13.52 -5.87
CA ASN A 333 -34.90 -13.02 -6.35
C ASN A 333 -34.66 -11.55 -5.98
N PHE A 334 -35.38 -11.05 -4.98
CA PHE A 334 -35.24 -9.65 -4.58
C PHE A 334 -35.62 -9.56 -3.12
N GLY A 335 -34.80 -8.89 -2.33
CA GLY A 335 -35.04 -8.77 -0.91
C GLY A 335 -35.15 -7.35 -0.40
N PRO A 336 -35.42 -7.21 0.88
CA PRO A 336 -35.36 -5.90 1.52
C PRO A 336 -33.92 -5.41 1.51
N LEU A 337 -33.75 -4.13 1.84
CA LEU A 337 -32.41 -3.65 2.11
C LEU A 337 -31.93 -4.20 3.45
N VAL A 338 -30.65 -3.96 3.75
CA VAL A 338 -30.00 -4.60 4.88
C VAL A 338 -30.49 -4.08 6.21
N SER A 339 -31.09 -2.89 6.24
CA SER A 339 -31.45 -2.27 7.51
C SER A 339 -32.39 -1.12 7.19
N PHE A 340 -33.13 -0.73 8.22
CA PHE A 340 -34.11 0.36 8.07
C PHE A 340 -33.42 1.71 7.95
N PRO A 341 -32.32 1.97 8.68
CA PRO A 341 -31.59 3.23 8.41
C PRO A 341 -31.06 3.34 6.99
N HIS A 342 -30.55 2.24 6.44
CA HIS A 342 -30.08 2.30 5.06
C HIS A 342 -31.23 2.57 4.11
N ARG A 343 -32.39 1.97 4.34
CA ARG A 343 -33.55 2.30 3.50
C ARG A 343 -33.85 3.79 3.54
N GLN A 344 -33.76 4.41 4.71
CA GLN A 344 -34.07 5.84 4.77
C GLN A 344 -33.13 6.63 3.89
N ASN A 345 -31.85 6.25 3.87
CA ASN A 345 -30.89 6.94 3.02
C ASN A 345 -31.19 6.72 1.54
N VAL A 346 -31.49 5.48 1.14
CA VAL A 346 -31.85 5.20 -0.25
C VAL A 346 -33.08 6.00 -0.66
N LEU A 347 -34.08 6.07 0.21
CA LEU A 347 -35.27 6.86 -0.13
C LEU A 347 -34.94 8.34 -0.30
N ARG A 348 -33.98 8.86 0.47
CA ARG A 348 -33.60 10.26 0.28
C ARG A 348 -32.96 10.46 -1.09
N TYR A 349 -32.20 9.48 -1.56
CA TYR A 349 -31.63 9.57 -2.91
C TYR A 349 -32.75 9.54 -3.96
N ILE A 350 -33.73 8.67 -3.77
CA ILE A 350 -34.84 8.59 -4.72
C ILE A 350 -35.57 9.91 -4.76
N GLU A 351 -35.82 10.51 -3.60
CA GLU A 351 -36.51 11.80 -3.60
C GLU A 351 -35.69 12.88 -4.30
N SER A 352 -34.36 12.83 -4.21
CA SER A 352 -33.57 13.82 -4.93
C SER A 352 -33.66 13.62 -6.43
N GLY A 353 -33.69 12.37 -6.89
CA GLY A 353 -33.94 12.11 -8.30
C GLY A 353 -35.22 12.76 -8.80
N LYS A 354 -36.33 12.51 -8.12
CA LYS A 354 -37.58 13.19 -8.45
C LYS A 354 -37.38 14.69 -8.42
N SER A 355 -36.84 15.20 -7.32
CA SER A 355 -36.78 16.63 -7.10
C SER A 355 -35.99 17.33 -8.19
N GLU A 356 -34.93 16.69 -8.68
CA GLU A 356 -34.01 17.29 -9.64
C GLU A 356 -34.42 17.06 -11.07
N GLY A 357 -35.55 16.40 -11.30
CA GLY A 357 -36.14 16.36 -12.61
C GLY A 357 -35.89 15.12 -13.44
N ALA A 358 -35.30 14.08 -12.87
CA ALA A 358 -35.21 12.82 -13.61
C ALA A 358 -36.61 12.22 -13.75
N ARG A 359 -36.79 11.45 -14.84
CA ARG A 359 -38.07 10.83 -15.12
C ARG A 359 -38.10 9.46 -14.45
N LEU A 360 -39.10 9.24 -13.62
CA LEU A 360 -39.23 7.96 -12.92
C LEU A 360 -39.83 6.93 -13.87
N LEU A 361 -39.02 5.96 -14.30
CA LEU A 361 -39.52 4.94 -15.20
C LEU A 361 -40.30 3.87 -14.44
N CYS A 362 -39.82 3.47 -13.26
CA CYS A 362 -40.56 2.54 -12.44
C CYS A 362 -40.04 2.58 -11.02
N GLY A 363 -40.84 2.04 -10.10
CA GLY A 363 -40.46 1.97 -8.70
C GLY A 363 -40.57 3.31 -8.00
N GLY A 364 -39.60 3.61 -7.13
CA GLY A 364 -39.57 4.90 -6.47
C GLY A 364 -40.26 4.95 -5.12
N ASP A 365 -40.57 3.81 -4.52
CA ASP A 365 -41.26 3.83 -3.23
C ASP A 365 -40.96 2.53 -2.51
N VAL A 366 -41.43 2.44 -1.26
CA VAL A 366 -41.33 1.21 -0.49
C VAL A 366 -42.37 0.20 -0.98
N LEU A 367 -42.10 -1.08 -0.78
CA LEU A 367 -43.13 -2.07 -1.02
C LEU A 367 -44.10 -2.11 0.15
N LYS A 368 -45.36 -2.40 -0.17
CA LYS A 368 -46.45 -2.23 0.77
C LYS A 368 -47.30 -3.48 0.82
N GLY A 369 -47.97 -3.66 1.95
CA GLY A 369 -48.88 -4.77 2.13
C GLY A 369 -48.32 -5.79 3.12
N GLU A 370 -49.17 -6.76 3.43
CA GLU A 370 -48.77 -7.75 4.41
C GLU A 370 -47.49 -8.45 3.98
N GLY A 371 -46.57 -8.60 4.94
CA GLY A 371 -45.33 -9.29 4.68
C GLY A 371 -44.28 -8.44 4.02
N PHE A 372 -44.63 -7.25 3.52
CA PHE A 372 -43.63 -6.23 3.22
C PHE A 372 -43.61 -5.12 4.25
N ASP A 373 -44.73 -4.84 4.90
CA ASP A 373 -44.82 -3.71 5.82
C ASP A 373 -43.86 -3.82 6.98
N ASN A 374 -43.45 -5.03 7.33
CA ASN A 374 -42.51 -5.21 8.42
C ASN A 374 -41.07 -5.31 7.94
N GLY A 375 -40.83 -5.18 6.64
CA GLY A 375 -39.49 -5.27 6.11
C GLY A 375 -38.98 -3.98 5.51
N ALA A 376 -37.66 -3.90 5.40
CA ALA A 376 -36.97 -2.71 4.90
C ALA A 376 -36.94 -2.66 3.37
N TRP A 377 -38.10 -2.78 2.75
CA TRP A 377 -38.15 -2.99 1.31
C TRP A 377 -38.19 -1.67 0.54
N VAL A 378 -37.47 -1.62 -0.57
CA VAL A 378 -37.58 -0.54 -1.56
C VAL A 378 -37.84 -1.19 -2.91
N ALA A 379 -38.80 -0.65 -3.64
CA ALA A 379 -39.13 -1.18 -4.96
C ALA A 379 -37.94 -1.04 -5.91
N PRO A 380 -37.78 -1.96 -6.86
CA PRO A 380 -36.76 -1.75 -7.91
C PRO A 380 -37.07 -0.48 -8.69
N THR A 381 -36.11 0.44 -8.71
CA THR A 381 -36.31 1.79 -9.18
C THR A 381 -35.39 2.14 -10.36
N VAL A 382 -35.97 2.74 -11.40
CA VAL A 382 -35.25 3.18 -12.58
C VAL A 382 -35.61 4.64 -12.86
N PHE A 383 -34.59 5.48 -12.92
CA PHE A 383 -34.69 6.84 -13.42
C PHE A 383 -34.11 6.91 -14.83
N THR A 384 -34.75 7.72 -15.67
CA THR A 384 -34.21 7.98 -16.98
C THR A 384 -34.28 9.48 -17.22
N ASP A 385 -33.88 9.89 -18.42
CA ASP A 385 -33.66 11.30 -18.76
C ASP A 385 -32.66 11.90 -17.77
N CYS A 386 -31.65 11.13 -17.37
CA CYS A 386 -30.70 11.60 -16.38
C CYS A 386 -29.59 12.45 -17.01
N THR A 387 -29.04 13.35 -16.21
CA THR A 387 -27.90 14.15 -16.61
C THR A 387 -26.79 14.05 -15.57
N ASP A 388 -25.59 14.44 -16.00
CA ASP A 388 -24.39 14.10 -15.26
C ASP A 388 -24.26 14.90 -13.97
N ASP A 389 -25.02 15.97 -13.82
CA ASP A 389 -24.94 16.80 -12.62
C ASP A 389 -25.91 16.36 -11.53
N MET A 390 -26.77 15.38 -11.80
CA MET A 390 -27.73 14.96 -10.79
C MET A 390 -27.07 14.20 -9.67
N THR A 391 -27.60 14.41 -8.46
CA THR A 391 -27.11 13.71 -7.29
C THR A 391 -27.20 12.19 -7.46
N ILE A 392 -28.29 11.69 -8.04
CA ILE A 392 -28.40 10.25 -8.17
C ILE A 392 -27.36 9.72 -9.13
N VAL A 393 -26.90 10.56 -10.07
CA VAL A 393 -25.91 10.12 -11.05
C VAL A 393 -24.51 10.22 -10.46
N ARG A 394 -24.28 11.19 -9.60
CA ARG A 394 -22.93 11.42 -9.09
C ARG A 394 -22.58 10.53 -7.90
N GLU A 395 -23.55 10.12 -7.08
CA GLU A 395 -23.28 9.53 -5.78
C GLU A 395 -23.71 8.08 -5.71
N GLU A 396 -22.93 7.29 -5.00
CA GLU A 396 -23.27 5.90 -4.79
C GLU A 396 -24.48 5.81 -3.88
N ILE A 397 -25.52 5.10 -4.32
CA ILE A 397 -26.76 4.94 -3.57
C ILE A 397 -26.77 3.65 -2.77
N PHE A 398 -26.25 2.56 -3.34
CA PHE A 398 -26.24 1.27 -2.67
C PHE A 398 -27.66 0.81 -2.36
N GLY A 399 -28.55 1.08 -3.29
CA GLY A 399 -29.85 0.45 -3.33
C GLY A 399 -30.24 0.21 -4.76
N PRO A 400 -31.43 -0.31 -4.96
CA PRO A 400 -31.89 -0.70 -6.29
C PRO A 400 -32.38 0.51 -7.10
N VAL A 401 -31.42 1.33 -7.54
CA VAL A 401 -31.72 2.58 -8.24
C VAL A 401 -30.79 2.67 -9.45
N MET A 402 -31.32 2.35 -10.62
CA MET A 402 -30.61 2.47 -11.90
C MET A 402 -30.87 3.85 -12.49
N SER A 403 -29.80 4.45 -13.06
CA SER A 403 -29.87 5.73 -13.74
C SER A 403 -29.49 5.54 -15.21
N ILE A 404 -30.43 5.83 -16.12
CA ILE A 404 -30.21 5.68 -17.57
C ILE A 404 -29.85 7.03 -18.16
N LEU A 405 -28.73 7.10 -18.85
CA LEU A 405 -28.21 8.30 -19.48
C LEU A 405 -28.06 8.07 -20.97
N SER A 406 -28.50 9.04 -21.76
N SER A 406 -28.54 9.00 -21.77
CA SER A 406 -28.43 8.99 -23.22
CA SER A 406 -28.40 8.84 -23.22
C SER A 406 -27.08 9.55 -23.68
C SER A 406 -27.10 9.51 -23.67
N TYR A 407 -26.53 8.98 -24.74
CA TYR A 407 -25.34 9.56 -25.35
C TYR A 407 -25.38 9.44 -26.87
N ASP A 408 -24.51 10.23 -27.50
CA ASP A 408 -24.46 10.37 -28.95
C ASP A 408 -23.27 9.66 -29.59
N ASP A 409 -22.08 9.68 -29.01
CA ASP A 409 -20.94 9.10 -29.72
C ASP A 409 -19.93 8.52 -28.73
N GLU A 410 -18.99 7.75 -29.29
CA GLU A 410 -18.15 6.90 -28.46
C GLU A 410 -17.19 7.73 -27.63
N ALA A 411 -16.55 8.73 -28.24
CA ALA A 411 -15.63 9.58 -27.51
C ALA A 411 -16.32 10.27 -26.35
N GLU A 412 -17.56 10.72 -26.58
CA GLU A 412 -18.33 11.36 -25.52
C GLU A 412 -18.60 10.39 -24.38
N VAL A 413 -19.00 9.15 -24.70
CA VAL A 413 -19.41 8.27 -23.61
C VAL A 413 -18.21 7.85 -22.80
N ILE A 414 -17.03 7.76 -23.41
CA ILE A 414 -15.83 7.43 -22.66
C ILE A 414 -15.49 8.55 -21.70
N ARG A 415 -15.49 9.80 -22.19
N ARG A 415 -15.52 9.79 -22.19
CA ARG A 415 -15.27 10.94 -21.32
CA ARG A 415 -15.28 10.95 -21.33
C ARG A 415 -16.25 10.92 -20.14
C ARG A 415 -16.25 11.00 -20.16
N ARG A 416 -17.54 10.72 -20.43
CA ARG A 416 -18.53 10.76 -19.35
C ARG A 416 -18.38 9.60 -18.38
N ALA A 417 -18.09 8.40 -18.90
CA ALA A 417 -17.87 7.26 -18.02
C ALA A 417 -16.73 7.52 -17.05
N ASN A 418 -15.70 8.24 -17.48
CA ASN A 418 -14.52 8.52 -16.66
C ASN A 418 -14.64 9.78 -15.81
N ALA A 419 -15.68 10.60 -16.01
CA ALA A 419 -15.85 11.87 -15.31
C ALA A 419 -16.50 11.63 -13.94
N THR A 420 -15.77 10.91 -13.11
CA THR A 420 -16.20 10.51 -11.79
C THR A 420 -14.92 10.40 -10.99
N GLU A 421 -15.01 10.71 -9.69
CA GLU A 421 -13.93 10.46 -8.75
C GLU A 421 -13.75 8.97 -8.49
N TYR A 422 -14.80 8.20 -8.70
CA TYR A 422 -14.79 6.77 -8.48
C TYR A 422 -14.08 6.06 -9.63
N GLY A 423 -13.88 4.75 -9.46
CA GLY A 423 -13.20 3.95 -10.46
C GLY A 423 -13.15 2.49 -10.13
N LEU A 424 -14.24 1.94 -9.65
CA LEU A 424 -14.18 0.54 -9.26
C LEU A 424 -14.35 -0.39 -10.46
N ALA A 425 -15.50 -0.34 -11.13
CA ALA A 425 -15.82 -1.28 -12.19
C ALA A 425 -16.36 -0.50 -13.39
N ALA A 426 -16.52 -1.23 -14.49
CA ALA A 426 -17.03 -0.68 -15.74
C ALA A 426 -17.31 -1.86 -16.66
N GLY A 427 -18.07 -1.59 -17.72
CA GLY A 427 -18.31 -2.67 -18.67
C GLY A 427 -18.92 -2.11 -19.93
N VAL A 428 -18.85 -2.93 -20.99
CA VAL A 428 -19.34 -2.55 -22.30
C VAL A 428 -20.11 -3.71 -22.89
N VAL A 429 -21.21 -3.40 -23.56
CA VAL A 429 -21.97 -4.35 -24.34
C VAL A 429 -21.79 -4.02 -25.82
N THR A 430 -21.15 -4.92 -26.57
CA THR A 430 -20.93 -4.76 -28.00
C THR A 430 -20.45 -6.08 -28.59
N PRO A 431 -20.90 -6.46 -29.79
CA PRO A 431 -20.35 -7.66 -30.43
C PRO A 431 -19.07 -7.41 -31.20
N ASP A 432 -18.65 -6.16 -31.28
CA ASP A 432 -17.54 -5.76 -32.14
C ASP A 432 -16.21 -5.92 -31.41
N LEU A 433 -15.28 -6.64 -32.04
CA LEU A 433 -13.96 -6.88 -31.44
C LEU A 433 -13.29 -5.57 -31.06
N ASN A 434 -13.17 -4.66 -32.02
CA ASN A 434 -12.38 -3.46 -31.78
C ASN A 434 -13.05 -2.56 -30.76
N ARG A 435 -14.37 -2.40 -30.84
CA ARG A 435 -15.02 -1.51 -29.91
C ARG A 435 -14.89 -2.04 -28.48
N ALA A 436 -15.00 -3.37 -28.31
CA ALA A 436 -14.97 -3.93 -26.95
C ALA A 436 -13.64 -3.63 -26.27
N HIS A 437 -12.53 -4.00 -26.91
CA HIS A 437 -11.23 -3.82 -26.28
C HIS A 437 -10.85 -2.37 -26.23
N ARG A 438 -11.13 -1.61 -27.29
CA ARG A 438 -10.64 -0.23 -27.31
C ARG A 438 -11.36 0.63 -26.28
N ILE A 439 -12.67 0.43 -26.10
CA ILE A 439 -13.39 1.18 -25.06
C ILE A 439 -12.86 0.78 -23.69
N ILE A 440 -12.75 -0.53 -23.45
CA ILE A 440 -12.35 -1.00 -22.13
C ILE A 440 -10.95 -0.48 -21.79
N HIS A 441 -10.05 -0.46 -22.78
CA HIS A 441 -8.68 0.00 -22.49
C HIS A 441 -8.64 1.45 -22.04
N GLN A 442 -9.61 2.26 -22.43
CA GLN A 442 -9.68 3.67 -22.07
C GLN A 442 -10.45 3.97 -20.78
N LEU A 443 -11.13 3.00 -20.19
CA LEU A 443 -11.91 3.30 -18.99
C LEU A 443 -11.01 3.24 -17.76
N GLU A 444 -11.24 4.17 -16.84
CA GLU A 444 -10.42 4.28 -15.62
C GLU A 444 -11.09 3.51 -14.47
N ALA A 445 -11.07 2.19 -14.59
CA ALA A 445 -11.62 1.30 -13.59
C ALA A 445 -10.79 0.01 -13.52
N GLY A 446 -10.78 -0.60 -12.33
CA GLY A 446 -9.99 -1.79 -12.09
C GLY A 446 -10.64 -3.09 -12.48
N ILE A 447 -11.96 -3.09 -12.63
CA ILE A 447 -12.75 -4.32 -12.83
C ILE A 447 -13.62 -4.08 -14.06
N CYS A 448 -13.36 -4.80 -15.16
CA CYS A 448 -14.00 -4.49 -16.42
C CYS A 448 -14.63 -5.74 -17.03
N TRP A 449 -15.92 -5.66 -17.34
CA TRP A 449 -16.66 -6.77 -17.92
C TRP A 449 -17.06 -6.43 -19.35
N ILE A 450 -16.88 -7.39 -20.25
CA ILE A 450 -17.33 -7.28 -21.62
C ILE A 450 -18.45 -8.27 -21.82
N ASN A 451 -19.64 -7.75 -22.17
CA ASN A 451 -20.81 -8.58 -22.47
C ASN A 451 -21.19 -9.49 -21.30
N SER A 452 -21.03 -8.96 -20.09
N SER A 452 -21.05 -8.95 -20.09
CA SER A 452 -21.40 -9.66 -18.87
CA SER A 452 -21.26 -9.68 -18.85
C SER A 452 -21.30 -8.65 -17.72
C SER A 452 -21.25 -8.66 -17.72
N TRP A 453 -21.60 -9.12 -16.52
CA TRP A 453 -21.42 -8.30 -15.33
C TRP A 453 -21.37 -9.22 -14.12
N GLY A 454 -20.46 -8.91 -13.19
CA GLY A 454 -20.54 -9.39 -11.82
C GLY A 454 -19.67 -10.57 -11.46
N GLU A 455 -19.16 -11.30 -12.43
CA GLU A 455 -18.38 -12.50 -12.13
C GLU A 455 -16.98 -12.09 -11.68
N SER A 456 -16.51 -12.72 -10.61
CA SER A 456 -15.28 -12.30 -9.94
C SER A 456 -14.47 -13.54 -9.58
N PRO A 457 -13.83 -14.16 -10.57
CA PRO A 457 -13.11 -15.41 -10.31
C PRO A 457 -11.97 -15.24 -9.31
N ALA A 458 -11.71 -16.30 -8.56
CA ALA A 458 -10.64 -16.23 -7.56
C ALA A 458 -9.31 -15.81 -8.18
N GLU A 459 -9.09 -16.15 -9.45
CA GLU A 459 -7.82 -15.84 -10.11
C GLU A 459 -7.69 -14.36 -10.48
N MET A 460 -8.78 -13.59 -10.40
CA MET A 460 -8.81 -12.28 -11.02
C MET A 460 -8.63 -11.19 -9.98
N PRO A 461 -7.53 -10.43 -10.00
CA PRO A 461 -7.40 -9.32 -9.03
C PRO A 461 -8.50 -8.29 -9.24
N VAL A 462 -9.08 -7.84 -8.13
CA VAL A 462 -10.16 -6.85 -8.16
C VAL A 462 -9.89 -5.77 -7.11
N GLY A 463 -10.19 -4.54 -7.50
CA GLY A 463 -10.04 -3.36 -6.65
C GLY A 463 -10.23 -2.15 -7.53
N GLY A 464 -10.10 -0.99 -6.90
CA GLY A 464 -10.51 0.27 -7.49
C GLY A 464 -9.36 1.14 -7.94
N TYR A 465 -9.62 1.92 -8.99
CA TYR A 465 -8.87 3.10 -9.39
C TYR A 465 -9.34 4.32 -8.57
N LYS A 466 -8.52 5.35 -8.57
CA LYS A 466 -8.92 6.70 -8.12
C LYS A 466 -9.48 6.58 -6.71
N HIS A 467 -10.66 7.12 -6.42
CA HIS A 467 -11.18 7.16 -5.06
C HIS A 467 -11.91 5.89 -4.64
N SER A 468 -11.89 4.86 -5.48
CA SER A 468 -12.58 3.63 -5.15
C SER A 468 -11.71 2.61 -4.43
N GLY A 469 -10.41 2.81 -4.34
CA GLY A 469 -9.63 1.89 -3.54
C GLY A 469 -8.14 2.03 -3.71
N ILE A 470 -7.44 1.36 -2.81
CA ILE A 470 -6.01 1.13 -2.85
C ILE A 470 -5.79 -0.37 -2.75
N GLY A 471 -4.91 -0.92 -3.58
CA GLY A 471 -4.60 -2.33 -3.50
C GLY A 471 -5.63 -3.18 -4.21
N ARG A 472 -5.40 -4.50 -4.16
CA ARG A 472 -6.28 -5.46 -4.82
C ARG A 472 -6.57 -6.61 -3.88
N GLU A 473 -7.63 -7.33 -4.19
CA GLU A 473 -7.96 -8.60 -3.59
C GLU A 473 -8.01 -9.65 -4.70
N ASN A 474 -7.83 -10.90 -4.28
CA ASN A 474 -7.82 -12.07 -5.15
C ASN A 474 -6.64 -12.08 -6.14
N GLY A 475 -6.50 -13.17 -6.89
CA GLY A 475 -5.34 -13.40 -7.71
C GLY A 475 -4.04 -13.68 -6.98
N VAL A 476 -3.00 -14.07 -7.72
CA VAL A 476 -1.73 -14.40 -7.09
C VAL A 476 -1.15 -13.18 -6.40
N MET A 477 -1.33 -11.99 -6.98
CA MET A 477 -0.69 -10.82 -6.42
C MET A 477 -1.12 -10.57 -4.99
N THR A 478 -2.33 -10.97 -4.61
CA THR A 478 -2.79 -10.63 -3.26
C THR A 478 -2.15 -11.55 -2.23
N LEU A 479 -1.85 -12.80 -2.57
CA LEU A 479 -1.07 -13.63 -1.66
C LEU A 479 0.26 -12.95 -1.35
N GLN A 480 0.92 -12.43 -2.38
CA GLN A 480 2.21 -11.78 -2.21
C GLN A 480 2.11 -10.55 -1.34
N SER A 481 1.01 -9.81 -1.46
CA SER A 481 0.88 -8.57 -0.72
C SER A 481 0.73 -8.77 0.78
N TYR A 482 0.50 -10.01 1.24
CA TYR A 482 0.42 -10.33 2.64
C TYR A 482 1.76 -10.86 3.16
N THR A 483 2.82 -10.64 2.40
CA THR A 483 4.19 -10.96 2.82
C THR A 483 5.02 -9.69 2.71
N GLN A 484 6.19 -9.72 3.35
CA GLN A 484 7.15 -8.64 3.21
C GLN A 484 8.48 -9.24 2.74
N VAL A 485 9.17 -8.50 1.88
CA VAL A 485 10.42 -8.98 1.28
C VAL A 485 11.59 -8.64 2.20
N LYS A 486 12.42 -9.64 2.46
CA LYS A 486 13.72 -9.47 3.11
C LYS A 486 14.78 -9.81 2.08
N SER A 487 15.67 -8.86 1.80
CA SER A 487 16.79 -9.09 0.88
C SER A 487 18.02 -9.43 1.69
N ILE A 488 18.72 -10.49 1.30
CA ILE A 488 19.91 -10.97 2.00
C ILE A 488 21.07 -11.07 1.02
N GLN A 489 22.17 -10.35 1.30
CA GLN A 489 23.35 -10.45 0.48
C GLN A 489 24.41 -11.31 1.17
N VAL A 490 24.88 -12.33 0.46
CA VAL A 490 25.99 -13.18 0.90
C VAL A 490 27.25 -12.71 0.16
N GLU A 491 28.18 -12.11 0.90
CA GLU A 491 29.47 -11.66 0.39
C GLU A 491 30.53 -12.69 0.76
N MET A 492 31.00 -13.45 -0.23
CA MET A 492 32.01 -14.46 0.00
C MET A 492 33.41 -13.97 -0.28
N GLY A 493 33.55 -12.79 -0.86
CA GLY A 493 34.85 -12.26 -1.14
C GLY A 493 35.27 -11.40 0.02
N PRO A 494 36.52 -10.93 0.01
CA PRO A 494 37.03 -10.13 1.13
C PRO A 494 36.45 -8.73 1.11
N PHE A 495 35.79 -8.36 2.20
CA PHE A 495 35.16 -7.05 2.28
C PHE A 495 36.20 -5.94 2.35
N GLN A 496 36.03 -4.91 1.55
CA GLN A 496 37.01 -3.82 1.47
C GLN A 496 36.45 -2.60 2.20
N SER A 497 37.09 -2.21 3.30
CA SER A 497 36.78 -0.93 3.93
C SER A 497 37.71 0.13 3.35
N ILE A 498 37.17 1.33 3.16
CA ILE A 498 37.98 2.47 2.76
C ILE A 498 38.71 3.12 3.91
N PHE A 499 38.49 2.65 5.14
CA PHE A 499 39.07 3.33 6.32
C PHE A 499 40.30 2.62 6.84
N SER B 11 32.07 32.71 -4.88
CA SER B 11 30.90 33.47 -5.33
C SER B 11 29.64 32.59 -5.24
N ARG B 12 28.48 33.25 -5.14
N ARG B 12 28.49 33.24 -5.13
CA ARG B 12 27.21 32.55 -5.08
CA ARG B 12 27.23 32.52 -5.07
C ARG B 12 26.75 32.14 -6.48
C ARG B 12 26.73 32.15 -6.47
N MET B 13 26.04 31.01 -6.55
CA MET B 13 25.42 30.61 -7.80
C MET B 13 24.28 31.57 -8.15
N ALA B 14 23.81 31.48 -9.39
CA ALA B 14 22.60 32.19 -9.78
C ALA B 14 21.41 31.68 -8.96
N GLU B 15 20.43 32.57 -8.73
CA GLU B 15 19.22 32.20 -8.00
C GLU B 15 18.46 31.11 -8.75
N GLN B 16 18.14 30.05 -8.04
CA GLN B 16 17.63 28.84 -8.66
C GLN B 16 16.12 28.86 -8.75
N GLN B 17 15.59 28.49 -9.90
CA GLN B 17 14.17 28.55 -10.19
C GLN B 17 13.57 27.14 -10.18
N LEU B 18 12.26 27.07 -10.38
CA LEU B 18 11.57 25.79 -10.48
C LEU B 18 11.82 25.19 -11.85
N TYR B 19 11.64 23.87 -11.97
CA TYR B 19 11.71 23.21 -13.29
C TYR B 19 10.35 22.60 -13.59
N ILE B 20 9.66 23.19 -14.55
CA ILE B 20 8.30 22.78 -14.89
C ILE B 20 8.17 22.80 -16.40
N HIS B 21 7.77 21.66 -16.96
CA HIS B 21 7.48 21.53 -18.38
C HIS B 21 8.69 21.88 -19.25
N GLY B 22 9.81 21.23 -18.97
CA GLY B 22 10.95 21.32 -19.85
C GLY B 22 11.72 22.62 -19.78
N LYS B 23 11.52 23.42 -18.74
CA LYS B 23 12.26 24.67 -18.63
C LYS B 23 12.21 25.16 -17.19
N PHE B 24 13.13 26.07 -16.90
CA PHE B 24 13.17 26.75 -15.62
C PHE B 24 12.17 27.88 -15.65
N VAL B 25 11.41 28.02 -14.56
CA VAL B 25 10.36 29.03 -14.50
C VAL B 25 10.39 29.65 -13.10
N ALA B 26 10.26 30.97 -13.06
CA ALA B 26 10.26 31.64 -11.76
C ALA B 26 9.04 31.22 -10.94
N ALA B 27 9.28 30.95 -9.66
CA ALA B 27 8.18 30.66 -8.75
C ALA B 27 7.29 31.90 -8.51
N THR B 28 6.11 31.66 -7.94
CA THR B 28 5.14 32.73 -7.67
C THR B 28 4.72 32.72 -6.20
N SER B 29 5.57 32.22 -5.33
CA SER B 29 5.28 32.06 -3.91
C SER B 29 5.65 33.28 -3.08
N GLY B 30 6.59 34.08 -3.56
CA GLY B 30 7.21 35.08 -2.71
C GLY B 30 8.17 34.50 -1.71
N LYS B 31 8.56 33.24 -1.87
CA LYS B 31 9.32 32.54 -0.85
C LYS B 31 10.63 32.04 -1.45
N THR B 32 11.75 32.34 -0.77
CA THR B 32 13.04 31.77 -1.13
C THR B 32 13.70 31.17 0.11
N PHE B 33 14.74 30.39 -0.13
CA PHE B 33 15.55 29.89 0.95
C PHE B 33 16.97 29.77 0.44
N GLU B 34 17.89 29.59 1.37
CA GLU B 34 19.31 29.52 1.08
C GLU B 34 19.78 28.10 1.33
N THR B 35 20.58 27.59 0.40
CA THR B 35 21.36 26.39 0.66
C THR B 35 22.80 26.79 0.96
N ILE B 36 23.32 26.22 2.04
CA ILE B 36 24.61 26.56 2.62
C ILE B 36 25.62 25.46 2.25
N ASN B 37 26.84 25.86 1.94
CA ASN B 37 27.95 24.93 1.82
C ASN B 37 28.42 24.55 3.23
N PRO B 38 28.19 23.31 3.66
CA PRO B 38 28.50 22.96 5.07
C PRO B 38 29.99 22.91 5.37
N ALA B 39 30.86 22.92 4.36
CA ALA B 39 32.29 23.02 4.63
C ALA B 39 32.75 24.44 4.92
N THR B 40 31.99 25.46 4.51
CA THR B 40 32.40 26.85 4.72
C THR B 40 31.38 27.71 5.43
N GLY B 41 30.12 27.31 5.51
CA GLY B 41 29.10 28.18 6.03
C GLY B 41 28.61 29.22 5.05
N GLU B 42 29.16 29.26 3.84
CA GLU B 42 28.79 30.27 2.84
C GLU B 42 27.54 29.84 2.09
N VAL B 43 26.78 30.85 1.64
CA VAL B 43 25.60 30.58 0.82
C VAL B 43 26.05 30.09 -0.56
N LEU B 44 25.59 28.91 -0.93
CA LEU B 44 25.79 28.40 -2.27
C LEU B 44 24.85 29.04 -3.28
N ALA B 45 23.59 29.22 -2.90
CA ALA B 45 22.59 29.75 -3.80
C ALA B 45 21.36 30.13 -3.00
N THR B 46 20.65 31.13 -3.51
CA THR B 46 19.27 31.37 -3.13
C THR B 46 18.35 30.57 -4.04
N VAL B 47 17.34 29.93 -3.46
CA VAL B 47 16.53 28.97 -4.19
C VAL B 47 15.07 29.36 -4.03
N GLN B 48 14.34 29.41 -5.14
CA GLN B 48 12.92 29.69 -5.10
C GLN B 48 12.11 28.48 -4.62
N ALA B 49 11.11 28.73 -3.82
CA ALA B 49 10.21 27.67 -3.36
C ALA B 49 8.90 27.71 -4.14
N ALA B 50 8.41 26.53 -4.50
CA ALA B 50 7.16 26.42 -5.23
C ALA B 50 5.98 26.70 -4.31
N GLY B 51 5.08 27.57 -4.76
CA GLY B 51 3.87 27.85 -4.02
C GLY B 51 2.72 26.94 -4.45
N ARG B 52 1.57 27.17 -3.84
CA ARG B 52 0.43 26.28 -4.10
C ARG B 52 0.02 26.33 -5.57
N GLU B 53 0.05 27.52 -6.17
CA GLU B 53 -0.31 27.65 -7.57
C GLU B 53 0.76 27.06 -8.47
N ASP B 54 2.03 27.20 -8.08
CA ASP B 54 3.11 26.54 -8.82
C ASP B 54 2.91 25.03 -8.83
N VAL B 55 2.53 24.46 -7.69
CA VAL B 55 2.33 23.01 -7.65
C VAL B 55 1.21 22.61 -8.59
N ASP B 56 0.12 23.39 -8.64
CA ASP B 56 -0.98 23.01 -9.52
C ASP B 56 -0.58 23.07 -10.98
N ARG B 57 0.20 24.10 -11.37
CA ARG B 57 0.75 24.16 -12.72
C ARG B 57 1.66 22.97 -13.01
N ALA B 58 2.50 22.56 -12.03
CA ALA B 58 3.36 21.40 -12.23
C ALA B 58 2.54 20.13 -12.41
N VAL B 59 1.42 20.00 -11.70
CA VAL B 59 0.59 18.81 -11.88
C VAL B 59 -0.06 18.81 -13.26
N LYS B 60 -0.56 19.97 -13.73
CA LYS B 60 -1.18 19.99 -15.05
C LYS B 60 -0.17 19.72 -16.15
N SER B 61 1.04 20.28 -16.00
CA SER B 61 2.15 19.96 -16.89
C SER B 61 2.44 18.47 -16.89
N ALA B 62 2.45 17.83 -15.71
CA ALA B 62 2.77 16.42 -15.64
C ALA B 62 1.67 15.57 -16.25
N GLN B 63 0.42 15.99 -16.05
CA GLN B 63 -0.70 15.29 -16.68
C GLN B 63 -0.58 15.29 -18.19
N GLN B 64 -0.15 16.42 -18.77
CA GLN B 64 -0.01 16.50 -20.21
C GLN B 64 1.18 15.67 -20.69
N GLY B 65 2.29 15.74 -19.96
CA GLY B 65 3.48 15.00 -20.35
C GLY B 65 3.31 13.51 -20.21
N GLN B 66 2.65 13.07 -19.13
CA GLN B 66 2.44 11.64 -18.94
C GLN B 66 1.69 11.03 -20.11
N LYS B 67 0.77 11.78 -20.74
CA LYS B 67 -0.01 11.18 -21.82
C LYS B 67 0.87 10.95 -23.05
N VAL B 68 1.77 11.91 -23.34
CA VAL B 68 2.72 11.75 -24.44
C VAL B 68 3.64 10.58 -24.16
N TRP B 69 4.20 10.54 -22.95
CA TRP B 69 5.14 9.50 -22.55
C TRP B 69 4.50 8.13 -22.64
N ALA B 70 3.31 7.98 -22.07
CA ALA B 70 2.66 6.67 -22.03
C ALA B 70 2.21 6.19 -23.39
N ALA B 71 2.03 7.09 -24.37
CA ALA B 71 1.64 6.65 -25.70
C ALA B 71 2.82 6.19 -26.55
N MET B 72 4.05 6.46 -26.14
N MET B 72 4.05 6.46 -26.14
CA MET B 72 5.19 5.94 -26.87
CA MET B 72 5.22 5.93 -26.82
C MET B 72 5.33 4.43 -26.64
C MET B 72 5.27 4.41 -26.68
N SER B 73 6.07 3.78 -27.53
CA SER B 73 6.33 2.36 -27.36
C SER B 73 7.24 2.11 -26.16
N ALA B 74 7.19 0.88 -25.67
CA ALA B 74 8.03 0.54 -24.52
C ALA B 74 9.51 0.76 -24.84
N MET B 75 9.96 0.27 -26.00
CA MET B 75 11.37 0.43 -26.34
C MET B 75 11.71 1.90 -26.59
N ALA B 76 10.76 2.71 -27.07
CA ALA B 76 11.05 4.13 -27.20
C ALA B 76 11.32 4.76 -25.85
N ARG B 77 10.54 4.38 -24.82
CA ARG B 77 10.79 4.88 -23.48
C ARG B 77 12.13 4.35 -22.95
N SER B 78 12.43 3.06 -23.22
CA SER B 78 13.69 2.51 -22.79
C SER B 78 14.87 3.30 -23.35
N ARG B 79 14.80 3.66 -24.64
CA ARG B 79 15.94 4.32 -25.29
C ARG B 79 16.20 5.71 -24.72
N ILE B 80 15.11 6.43 -24.42
CA ILE B 80 15.26 7.75 -23.84
C ILE B 80 15.87 7.66 -22.43
N LEU B 81 15.43 6.71 -21.60
CA LEU B 81 16.04 6.59 -20.27
C LEU B 81 17.52 6.19 -20.39
N ARG B 82 17.83 5.30 -21.35
CA ARG B 82 19.22 4.93 -21.60
C ARG B 82 20.05 6.12 -22.09
N LYS B 83 19.44 7.04 -22.86
CA LYS B 83 20.17 8.25 -23.24
C LYS B 83 20.50 9.08 -22.02
N ALA B 84 19.56 9.17 -21.07
CA ALA B 84 19.83 9.91 -19.84
C ALA B 84 20.96 9.25 -19.05
N VAL B 85 20.98 7.91 -19.02
CA VAL B 85 22.09 7.21 -18.37
C VAL B 85 23.40 7.63 -18.98
N ASP B 86 23.46 7.64 -20.32
CA ASP B 86 24.70 8.02 -21.00
C ASP B 86 25.15 9.41 -20.57
N ILE B 87 24.22 10.37 -20.49
CA ILE B 87 24.60 11.71 -20.05
C ILE B 87 25.09 11.70 -18.62
N LEU B 88 24.40 10.95 -17.75
CA LEU B 88 24.82 10.88 -16.35
C LEU B 88 26.22 10.33 -16.22
N ARG B 89 26.57 9.30 -17.03
CA ARG B 89 27.92 8.76 -16.97
C ARG B 89 28.92 9.82 -17.39
N GLU B 90 28.57 10.57 -18.44
CA GLU B 90 29.52 11.54 -18.99
C GLU B 90 29.72 12.72 -18.04
N ARG B 91 28.66 13.13 -17.32
CA ARG B 91 28.72 14.26 -16.40
C ARG B 91 28.94 13.86 -14.95
N ASN B 92 29.35 12.63 -14.72
CA ASN B 92 29.50 12.09 -13.38
C ASN B 92 30.30 13.02 -12.47
N ASP B 93 31.52 13.40 -12.90
CA ASP B 93 32.38 14.19 -12.02
C ASP B 93 31.81 15.58 -11.75
N GLU B 94 31.24 16.25 -12.77
CA GLU B 94 30.67 17.58 -12.54
C GLU B 94 29.51 17.52 -11.56
N LEU B 95 28.63 16.53 -11.73
CA LEU B 95 27.51 16.37 -10.82
C LEU B 95 28.00 16.02 -9.43
N ALA B 96 29.02 15.18 -9.35
CA ALA B 96 29.55 14.80 -8.06
C ALA B 96 30.12 16.01 -7.33
N ARG B 97 30.81 16.89 -8.06
CA ARG B 97 31.37 18.07 -7.44
C ARG B 97 30.29 18.98 -6.89
N LEU B 98 29.18 19.13 -7.63
CA LEU B 98 28.07 19.92 -7.12
C LEU B 98 27.46 19.27 -5.90
N GLU B 99 27.31 17.94 -5.93
CA GLU B 99 26.77 17.23 -4.77
C GLU B 99 27.65 17.42 -3.55
N THR B 100 28.97 17.41 -3.76
CA THR B 100 29.90 17.63 -2.66
C THR B 100 29.73 19.02 -2.06
N LEU B 101 29.60 20.05 -2.89
CA LEU B 101 29.35 21.40 -2.38
C LEU B 101 28.06 21.48 -1.56
N ASP B 102 26.99 20.84 -2.04
CA ASP B 102 25.67 20.98 -1.44
C ASP B 102 25.54 20.13 -0.18
N THR B 103 26.24 18.98 -0.10
CA THR B 103 26.07 18.03 0.99
C THR B 103 27.26 17.93 1.94
N GLY B 104 28.44 18.37 1.53
CA GLY B 104 29.62 18.13 2.32
C GLY B 104 30.22 16.73 2.22
N LYS B 105 29.62 15.84 1.45
CA LYS B 105 30.21 14.52 1.32
C LYS B 105 31.46 14.58 0.44
N PRO B 106 32.54 13.86 0.79
CA PRO B 106 33.75 13.91 -0.02
C PRO B 106 33.51 13.49 -1.47
N LEU B 107 34.26 14.11 -2.36
CA LEU B 107 34.22 13.75 -3.77
C LEU B 107 34.59 12.29 -3.97
N SER B 108 35.44 11.74 -3.11
CA SER B 108 35.80 10.32 -3.19
C SER B 108 34.57 9.43 -3.06
N GLU B 109 33.52 9.94 -2.40
CA GLU B 109 32.23 9.25 -2.34
C GLU B 109 31.32 9.65 -3.50
N THR B 110 31.08 10.95 -3.66
CA THR B 110 30.06 11.38 -4.62
C THR B 110 30.44 10.96 -6.05
N ALA B 111 31.73 10.97 -6.37
CA ALA B 111 32.16 10.64 -7.73
C ALA B 111 32.21 9.14 -7.98
N ALA B 112 32.09 8.32 -6.93
CA ALA B 112 32.16 6.87 -7.06
C ALA B 112 30.85 6.18 -6.74
N VAL B 113 29.95 6.82 -6.01
CA VAL B 113 28.74 6.17 -5.54
C VAL B 113 27.47 6.89 -6.01
N ASP B 114 27.34 8.18 -5.70
CA ASP B 114 26.04 8.84 -5.81
C ASP B 114 25.47 8.76 -7.23
N ILE B 115 26.21 9.27 -8.21
CA ILE B 115 25.67 9.23 -9.56
C ILE B 115 25.84 7.84 -10.14
N VAL B 116 26.96 7.18 -9.84
CA VAL B 116 27.19 5.84 -10.41
C VAL B 116 25.99 4.95 -10.08
N THR B 117 25.59 4.88 -8.79
CA THR B 117 24.53 3.94 -8.41
C THR B 117 23.13 4.49 -8.74
N GLY B 118 22.97 5.81 -8.76
CA GLY B 118 21.72 6.38 -9.24
C GLY B 118 21.47 6.02 -10.69
N ALA B 119 22.48 6.24 -11.53
CA ALA B 119 22.36 5.89 -12.93
C ALA B 119 22.27 4.38 -13.13
N ASP B 120 22.87 3.57 -12.24
CA ASP B 120 22.75 2.11 -12.33
C ASP B 120 21.28 1.69 -12.27
N VAL B 121 20.50 2.34 -11.40
CA VAL B 121 19.10 1.96 -11.21
C VAL B 121 18.27 2.47 -12.40
N LEU B 122 18.60 3.64 -12.93
CA LEU B 122 17.89 4.10 -14.12
C LEU B 122 18.14 3.16 -15.32
N GLU B 123 19.41 2.75 -15.50
CA GLU B 123 19.80 1.82 -16.55
C GLU B 123 19.09 0.48 -16.40
N TYR B 124 19.04 -0.03 -15.19
CA TYR B 124 18.33 -1.28 -14.90
C TYR B 124 16.89 -1.20 -15.34
N TYR B 125 16.17 -0.19 -14.86
CA TYR B 125 14.75 -0.10 -15.18
C TYR B 125 14.52 0.18 -16.66
N ALA B 126 15.41 0.94 -17.29
CA ALA B 126 15.26 1.17 -18.71
C ALA B 126 15.18 -0.15 -19.48
N GLY B 127 16.01 -1.12 -19.08
CA GLY B 127 16.02 -2.40 -19.76
C GLY B 127 14.83 -3.27 -19.46
N LEU B 128 14.11 -2.97 -18.38
CA LEU B 128 13.00 -3.82 -17.99
C LEU B 128 11.65 -3.41 -18.55
N ILE B 129 11.53 -2.17 -19.04
CA ILE B 129 10.26 -1.69 -19.57
C ILE B 129 9.62 -2.71 -20.49
N PRO B 130 10.30 -3.27 -21.50
CA PRO B 130 9.62 -4.19 -22.44
C PRO B 130 9.14 -5.48 -21.81
N ALA B 131 9.61 -5.82 -20.63
CA ALA B 131 9.18 -7.02 -19.96
C ALA B 131 7.99 -6.80 -19.04
N LEU B 132 7.49 -5.57 -18.91
CA LEU B 132 6.33 -5.33 -18.06
C LEU B 132 5.10 -5.87 -18.75
N GLU B 133 4.53 -6.97 -18.23
CA GLU B 133 3.43 -7.69 -18.87
C GLU B 133 2.25 -7.85 -17.92
N GLY B 134 1.06 -7.97 -18.52
CA GLY B 134 -0.12 -8.46 -17.83
C GLY B 134 -0.21 -9.96 -17.88
N SER B 135 -1.38 -10.48 -17.52
CA SER B 135 -1.59 -11.91 -17.54
C SER B 135 -2.85 -12.27 -18.34
N GLN B 136 -3.02 -13.57 -18.55
CA GLN B 136 -4.21 -14.10 -19.18
C GLN B 136 -4.61 -15.36 -18.44
N ILE B 137 -5.89 -15.46 -18.12
CA ILE B 137 -6.44 -16.52 -17.28
C ILE B 137 -7.63 -17.13 -17.98
N PRO B 138 -7.54 -18.37 -18.45
CA PRO B 138 -8.70 -19.02 -19.04
C PRO B 138 -9.64 -19.44 -17.93
N LEU B 139 -10.92 -19.13 -18.08
CA LEU B 139 -11.93 -19.54 -17.12
C LEU B 139 -12.61 -20.82 -17.57
N ARG B 140 -13.00 -20.85 -18.85
CA ARG B 140 -13.70 -21.95 -19.49
C ARG B 140 -13.59 -21.69 -20.98
N ASP B 141 -14.15 -22.58 -21.80
CA ASP B 141 -14.02 -22.42 -23.24
C ASP B 141 -14.57 -21.08 -23.72
N SER B 142 -15.67 -20.61 -23.13
CA SER B 142 -16.37 -19.42 -23.59
C SER B 142 -15.97 -18.14 -22.85
N SER B 143 -14.96 -18.14 -22.00
CA SER B 143 -14.62 -16.92 -21.28
C SER B 143 -13.18 -16.96 -20.80
N PHE B 144 -12.52 -15.80 -20.89
CA PHE B 144 -11.18 -15.66 -20.33
C PHE B 144 -11.03 -14.26 -19.77
N VAL B 145 -10.00 -14.11 -18.94
CA VAL B 145 -9.64 -12.85 -18.32
C VAL B 145 -8.27 -12.46 -18.81
N TYR B 146 -8.05 -11.17 -19.02
CA TYR B 146 -6.68 -10.69 -19.18
C TYR B 146 -6.53 -9.42 -18.35
N THR B 147 -5.31 -9.13 -17.96
CA THR B 147 -5.05 -7.96 -17.13
C THR B 147 -4.10 -7.03 -17.87
N ARG B 148 -4.25 -5.73 -17.61
CA ARG B 148 -3.31 -4.74 -18.07
C ARG B 148 -2.66 -4.12 -16.85
N ARG B 149 -1.40 -3.76 -16.98
CA ARG B 149 -0.68 -3.00 -15.98
C ARG B 149 -0.65 -1.57 -16.52
N GLU B 150 -1.44 -0.70 -15.94
CA GLU B 150 -1.55 0.61 -16.51
C GLU B 150 -0.78 1.63 -15.66
N PRO B 151 -0.26 2.71 -16.25
CA PRO B 151 0.32 3.78 -15.43
C PRO B 151 -0.66 4.33 -14.43
N LEU B 152 -0.11 4.84 -13.32
CA LEU B 152 -0.89 5.50 -12.30
C LEU B 152 -1.29 6.90 -12.72
N GLY B 153 -0.42 7.58 -13.47
CA GLY B 153 -0.60 8.96 -13.89
C GLY B 153 0.52 9.83 -13.37
N VAL B 154 0.21 10.74 -12.45
CA VAL B 154 1.19 11.65 -11.85
C VAL B 154 1.47 11.18 -10.43
N VAL B 155 2.74 10.97 -10.13
CA VAL B 155 3.17 10.56 -8.80
C VAL B 155 4.14 11.61 -8.28
N ALA B 156 4.36 11.59 -6.98
CA ALA B 156 5.25 12.55 -6.34
C ALA B 156 6.33 11.80 -5.59
N GLY B 157 7.55 12.30 -5.70
CA GLY B 157 8.65 11.85 -4.86
C GLY B 157 9.13 12.98 -3.98
N ILE B 158 9.44 12.66 -2.72
CA ILE B 158 9.87 13.63 -1.74
C ILE B 158 11.19 13.14 -1.18
N GLY B 159 12.24 13.92 -1.40
CA GLY B 159 13.60 13.43 -1.26
C GLY B 159 14.24 13.89 0.03
N ALA B 160 15.32 13.22 0.39
CA ALA B 160 16.06 13.55 1.59
C ALA B 160 17.40 14.15 1.21
N TRP B 161 18.15 14.62 2.20
CA TRP B 161 19.34 15.42 1.93
C TRP B 161 20.65 14.64 1.96
N ASN B 162 20.66 13.36 2.38
CA ASN B 162 21.95 12.70 2.46
C ASN B 162 22.45 12.18 1.10
N TYR B 163 21.57 11.75 0.20
CA TYR B 163 21.92 11.24 -1.12
C TYR B 163 21.01 11.89 -2.15
N PRO B 164 21.16 13.19 -2.38
CA PRO B 164 20.10 13.91 -3.11
C PRO B 164 19.86 13.40 -4.53
N ILE B 165 20.89 13.32 -5.36
CA ILE B 165 20.62 12.91 -6.74
C ILE B 165 20.40 11.41 -6.83
N GLN B 166 21.02 10.62 -5.96
CA GLN B 166 20.72 9.19 -5.96
C GLN B 166 19.26 8.92 -5.65
N ILE B 167 18.69 9.63 -4.68
CA ILE B 167 17.28 9.44 -4.31
C ILE B 167 16.37 9.91 -5.44
N ALA B 168 16.71 11.03 -6.08
CA ALA B 168 15.91 11.49 -7.21
C ALA B 168 15.88 10.46 -8.34
N LEU B 169 17.00 9.75 -8.56
CA LEU B 169 17.04 8.75 -9.62
C LEU B 169 16.35 7.45 -9.20
N TRP B 170 16.53 7.04 -7.94
CA TRP B 170 15.88 5.82 -7.49
C TRP B 170 14.36 5.98 -7.42
N LYS B 171 13.85 7.18 -7.17
CA LYS B 171 12.40 7.37 -7.23
C LYS B 171 11.90 7.57 -8.67
N SER B 172 12.58 8.39 -9.46
CA SER B 172 12.07 8.69 -10.79
C SER B 172 12.22 7.51 -11.74
N ALA B 173 13.29 6.71 -11.61
CA ALA B 173 13.52 5.65 -12.59
C ALA B 173 12.35 4.67 -12.70
N PRO B 174 11.93 4.00 -11.64
CA PRO B 174 10.79 3.07 -11.78
C PRO B 174 9.51 3.78 -12.17
N ALA B 175 9.28 4.98 -11.62
CA ALA B 175 8.08 5.73 -11.93
C ALA B 175 7.99 6.04 -13.42
N LEU B 176 9.05 6.62 -13.97
CA LEU B 176 9.06 6.92 -15.40
C LEU B 176 9.04 5.66 -16.24
N ALA B 177 9.77 4.62 -15.82
CA ALA B 177 9.84 3.39 -16.61
C ALA B 177 8.47 2.73 -16.73
N ALA B 178 7.64 2.88 -15.69
CA ALA B 178 6.29 2.37 -15.71
C ALA B 178 5.29 3.26 -16.44
N GLY B 179 5.72 4.38 -17.03
CA GLY B 179 4.86 5.22 -17.83
C GLY B 179 4.24 6.40 -17.10
N ASN B 180 4.70 6.69 -15.89
CA ASN B 180 4.18 7.82 -15.13
C ASN B 180 5.02 9.07 -15.34
N ALA B 181 4.45 10.19 -14.93
CA ALA B 181 5.20 11.42 -14.71
C ALA B 181 5.42 11.54 -13.21
N MET B 182 6.57 12.08 -12.82
CA MET B 182 6.87 12.32 -11.41
C MET B 182 7.18 13.79 -11.18
N ILE B 183 6.56 14.36 -10.15
CA ILE B 183 6.94 15.66 -9.59
C ILE B 183 7.83 15.37 -8.40
N PHE B 184 9.05 15.91 -8.41
CA PHE B 184 10.02 15.59 -7.37
C PHE B 184 10.28 16.83 -6.53
N LYS B 185 10.24 16.65 -5.21
CA LYS B 185 10.45 17.71 -4.24
C LYS B 185 11.73 17.40 -3.47
N PRO B 186 12.86 18.00 -3.85
CA PRO B 186 14.11 17.71 -3.13
C PRO B 186 14.08 18.34 -1.75
N SER B 187 14.92 17.81 -0.87
CA SER B 187 15.17 18.48 0.41
C SER B 187 15.56 19.95 0.19
N GLU B 188 15.00 20.83 1.01
CA GLU B 188 15.47 22.20 1.00
C GLU B 188 16.91 22.32 1.47
N VAL B 189 17.48 21.30 2.09
CA VAL B 189 18.89 21.38 2.47
C VAL B 189 19.79 21.19 1.26
N THR B 190 19.36 20.41 0.27
CA THR B 190 20.20 19.96 -0.86
C THR B 190 19.40 19.93 -2.15
N PRO B 191 18.96 21.09 -2.64
CA PRO B 191 18.05 21.11 -3.79
C PRO B 191 18.76 21.11 -5.15
N LEU B 192 20.08 21.22 -5.20
CA LEU B 192 20.73 21.62 -6.45
C LEU B 192 20.84 20.51 -7.49
N THR B 193 21.25 19.28 -7.10
CA THR B 193 21.47 18.27 -8.13
C THR B 193 20.15 17.80 -8.75
N ALA B 194 19.03 17.87 -8.03
CA ALA B 194 17.76 17.48 -8.64
C ALA B 194 17.39 18.37 -9.83
N LEU B 195 17.68 19.67 -9.73
CA LEU B 195 17.44 20.58 -10.85
C LEU B 195 18.33 20.22 -12.04
N LYS B 196 19.59 19.86 -11.79
CA LYS B 196 20.46 19.43 -12.87
C LYS B 196 19.92 18.18 -13.53
N LEU B 197 19.43 17.24 -12.72
CA LEU B 197 18.85 16.01 -13.28
C LEU B 197 17.69 16.31 -14.21
N ALA B 198 16.83 17.26 -13.82
CA ALA B 198 15.69 17.61 -14.66
C ALA B 198 16.13 18.06 -16.04
N GLU B 199 17.17 18.90 -16.11
CA GLU B 199 17.71 19.33 -17.40
C GLU B 199 18.25 18.16 -18.20
N ILE B 200 18.93 17.21 -17.54
CA ILE B 200 19.47 16.04 -18.22
C ILE B 200 18.36 15.18 -18.84
N TYR B 201 17.29 14.92 -18.09
CA TYR B 201 16.19 14.16 -18.65
C TYR B 201 15.66 14.81 -19.92
N ARG B 202 15.52 16.13 -19.92
CA ARG B 202 15.04 16.82 -21.12
C ARG B 202 16.02 16.64 -22.26
N GLU B 203 17.32 16.76 -21.98
N GLU B 203 17.33 16.80 -21.99
CA GLU B 203 18.32 16.61 -23.02
CA GLU B 203 18.33 16.60 -23.02
C GLU B 203 18.34 15.19 -23.58
C GLU B 203 18.20 15.21 -23.62
N ALA B 204 17.88 14.21 -22.79
CA ALA B 204 17.79 12.83 -23.25
C ALA B 204 16.55 12.59 -24.10
N GLY B 205 15.62 13.52 -24.10
CA GLY B 205 14.40 13.35 -24.88
C GLY B 205 13.19 13.00 -24.05
N LEU B 206 13.26 13.11 -22.73
CA LEU B 206 12.07 12.94 -21.92
C LEU B 206 11.03 14.01 -22.29
N PRO B 207 9.78 13.65 -22.51
CA PRO B 207 8.81 14.68 -22.89
C PRO B 207 8.60 15.71 -21.79
N ASP B 208 8.29 16.92 -22.21
CA ASP B 208 8.07 18.01 -21.27
C ASP B 208 6.98 17.64 -20.27
N GLY B 209 7.23 17.93 -19.00
CA GLY B 209 6.29 17.70 -17.93
C GLY B 209 6.46 16.38 -17.23
N VAL B 210 7.24 15.46 -17.80
CA VAL B 210 7.29 14.12 -17.21
C VAL B 210 8.13 14.10 -15.92
N PHE B 211 9.16 14.94 -15.82
CA PHE B 211 9.91 15.09 -14.58
C PHE B 211 10.05 16.58 -14.28
N ASN B 212 9.24 17.05 -13.34
CA ASN B 212 9.23 18.43 -12.87
C ASN B 212 9.83 18.47 -11.48
N VAL B 213 10.56 19.53 -11.18
CA VAL B 213 11.27 19.61 -9.91
C VAL B 213 10.86 20.89 -9.18
N LEU B 214 10.33 20.73 -7.97
CA LEU B 214 9.80 21.85 -7.18
C LEU B 214 10.56 21.91 -5.87
N PRO B 215 11.64 22.68 -5.80
CA PRO B 215 12.22 23.01 -4.49
C PRO B 215 11.20 23.70 -3.61
N GLY B 216 11.42 23.58 -2.30
CA GLY B 216 10.64 24.30 -1.32
C GLY B 216 10.68 23.64 0.03
N ILE B 217 10.02 24.29 0.99
CA ILE B 217 10.02 23.85 2.37
C ILE B 217 9.04 22.70 2.56
N GLY B 218 9.41 21.73 3.39
CA GLY B 218 8.57 20.55 3.55
C GLY B 218 7.12 20.89 3.89
N ALA B 219 6.91 21.72 4.92
CA ALA B 219 5.59 22.01 5.44
C ALA B 219 4.78 22.95 4.56
N GLU B 220 5.38 23.43 3.47
CA GLU B 220 4.69 24.27 2.51
C GLU B 220 4.66 23.48 1.21
N THR B 221 5.65 23.65 0.34
CA THR B 221 5.70 22.91 -0.92
C THR B 221 5.41 21.40 -0.76
N GLY B 222 6.07 20.76 0.21
CA GLY B 222 5.85 19.33 0.40
C GLY B 222 4.41 19.01 0.72
N GLN B 223 3.79 19.81 1.58
CA GLN B 223 2.39 19.58 1.93
C GLN B 223 1.45 19.86 0.75
N TYR B 224 1.73 20.90 -0.03
CA TYR B 224 0.87 21.19 -1.16
C TYR B 224 0.85 20.00 -2.12
N LEU B 225 2.00 19.36 -2.31
CA LEU B 225 2.08 18.20 -3.18
C LEU B 225 1.27 17.03 -2.64
N THR B 226 1.46 16.71 -1.35
CA THR B 226 0.77 15.57 -0.76
C THR B 226 -0.74 15.79 -0.71
N GLU B 227 -1.21 17.04 -0.73
CA GLU B 227 -2.64 17.35 -0.68
C GLU B 227 -3.29 17.45 -2.04
N HIS B 228 -2.53 17.40 -3.12
CA HIS B 228 -3.11 17.76 -4.39
C HIS B 228 -4.04 16.65 -4.88
N PRO B 229 -5.21 17.00 -5.40
CA PRO B 229 -6.21 15.95 -5.69
C PRO B 229 -5.82 15.01 -6.80
N ASP B 230 -4.90 15.41 -7.68
CA ASP B 230 -4.58 14.65 -8.87
C ASP B 230 -3.28 13.88 -8.77
N ILE B 231 -2.71 13.75 -7.58
CA ILE B 231 -1.50 12.94 -7.41
C ILE B 231 -1.91 11.57 -6.91
N ALA B 232 -1.44 10.53 -7.61
CA ALA B 232 -1.92 9.17 -7.38
C ALA B 232 -1.08 8.38 -6.39
N LYS B 233 0.13 8.81 -6.10
CA LYS B 233 1.05 8.04 -5.27
C LYS B 233 2.14 8.97 -4.77
N ILE B 234 2.56 8.76 -3.52
CA ILE B 234 3.63 9.51 -2.88
C ILE B 234 4.72 8.52 -2.50
N SER B 235 5.95 8.83 -2.85
CA SER B 235 7.12 8.07 -2.40
C SER B 235 8.00 8.99 -1.57
N PHE B 236 8.24 8.63 -0.32
CA PHE B 236 8.87 9.55 0.63
C PHE B 236 10.11 8.91 1.23
N THR B 237 11.20 9.67 1.29
CA THR B 237 12.38 9.28 2.05
C THR B 237 12.74 10.39 3.02
N GLY B 238 12.95 10.03 4.29
CA GLY B 238 13.19 11.07 5.27
C GLY B 238 13.06 10.52 6.69
N GLY B 239 12.88 11.42 7.64
CA GLY B 239 12.72 11.03 9.01
C GLY B 239 11.28 10.64 9.39
N VAL B 240 11.18 9.98 10.54
CA VAL B 240 9.91 9.45 11.04
C VAL B 240 8.90 10.57 11.25
N ALA B 241 9.36 11.72 11.78
CA ALA B 241 8.42 12.77 12.15
C ALA B 241 7.78 13.36 10.91
N SER B 242 8.59 13.68 9.91
CA SER B 242 8.05 14.23 8.67
C SER B 242 7.27 13.16 7.91
N GLY B 243 7.68 11.90 8.02
CA GLY B 243 6.92 10.84 7.37
C GLY B 243 5.51 10.71 7.93
N LYS B 244 5.38 10.85 9.26
CA LYS B 244 4.05 10.84 9.87
C LYS B 244 3.20 11.98 9.34
N LYS B 245 3.78 13.18 9.20
CA LYS B 245 3.01 14.29 8.65
C LYS B 245 2.56 13.99 7.23
N VAL B 246 3.44 13.42 6.42
CA VAL B 246 3.06 13.08 5.05
C VAL B 246 1.93 12.06 5.03
N MET B 247 2.07 11.00 5.84
CA MET B 247 1.00 10.00 5.92
C MET B 247 -0.34 10.65 6.29
N ALA B 248 -0.33 11.51 7.32
CA ALA B 248 -1.57 12.12 7.80
C ALA B 248 -2.17 13.08 6.76
N ASN B 249 -1.33 13.92 6.16
N ASN B 249 -1.33 13.89 6.14
CA ASN B 249 -1.84 14.86 5.17
CA ASN B 249 -1.83 14.82 5.14
C ASN B 249 -2.36 14.13 3.92
C ASN B 249 -2.31 14.10 3.88
N SER B 250 -1.68 13.05 3.51
N SER B 250 -1.63 13.01 3.50
CA SER B 250 -2.17 12.26 2.38
CA SER B 250 -2.12 12.20 2.39
C SER B 250 -3.50 11.57 2.72
C SER B 250 -3.47 11.56 2.72
N ALA B 251 -3.61 11.05 3.94
CA ALA B 251 -4.86 10.40 4.35
C ALA B 251 -6.03 11.38 4.36
N ALA B 252 -5.77 12.65 4.67
CA ALA B 252 -6.83 13.65 4.68
C ALA B 252 -7.17 14.19 3.29
N SER B 253 -6.40 13.85 2.26
CA SER B 253 -6.51 14.36 0.91
C SER B 253 -7.08 13.28 -0.01
N SER B 254 -6.82 13.42 -1.30
CA SER B 254 -7.21 12.37 -2.24
C SER B 254 -6.67 11.02 -1.77
N LEU B 255 -7.46 9.98 -1.99
CA LEU B 255 -6.98 8.63 -1.71
C LEU B 255 -5.76 8.35 -2.57
N LYS B 256 -4.65 7.97 -1.94
CA LYS B 256 -3.45 7.63 -2.70
C LYS B 256 -2.60 6.67 -1.89
N GLU B 257 -1.77 5.93 -2.60
CA GLU B 257 -0.83 5.03 -1.95
C GLU B 257 0.38 5.84 -1.54
N VAL B 258 0.95 5.50 -0.39
CA VAL B 258 2.17 6.15 0.11
C VAL B 258 3.16 5.05 0.45
N THR B 259 4.39 5.19 -0.05
CA THR B 259 5.51 4.34 0.33
C THR B 259 6.59 5.21 0.96
N MET B 260 7.32 4.60 1.87
CA MET B 260 8.13 5.37 2.79
C MET B 260 9.37 4.59 3.22
N GLU B 261 10.50 5.30 3.31
CA GLU B 261 11.74 4.78 3.87
C GLU B 261 12.21 5.79 4.91
N LEU B 262 12.28 5.35 6.19
CA LEU B 262 12.32 6.26 7.33
C LEU B 262 13.48 6.07 8.29
N GLY B 263 14.57 5.48 7.88
CA GLY B 263 15.70 5.41 8.79
C GLY B 263 15.56 4.22 9.72
N GLY B 264 16.56 4.06 10.59
CA GLY B 264 16.60 2.88 11.43
C GLY B 264 17.61 3.02 12.54
N LYS B 265 17.76 1.92 13.29
CA LYS B 265 18.81 1.78 14.30
C LYS B 265 19.35 0.35 14.11
N SER B 266 20.01 0.14 12.99
CA SER B 266 20.22 -1.20 12.49
C SER B 266 21.34 -1.90 13.26
N PRO B 267 21.15 -3.18 13.56
CA PRO B 267 22.16 -3.90 14.34
C PRO B 267 23.18 -4.60 13.45
N LEU B 268 24.42 -4.55 13.90
CA LEU B 268 25.48 -5.35 13.34
C LEU B 268 25.90 -6.34 14.41
N ILE B 269 25.74 -7.61 14.13
CA ILE B 269 26.03 -8.67 15.08
C ILE B 269 27.37 -9.32 14.70
N ILE B 270 28.35 -9.20 15.59
CA ILE B 270 29.63 -9.86 15.42
C ILE B 270 29.54 -11.18 16.15
N ALA B 271 29.65 -12.27 15.41
CA ALA B 271 29.52 -13.59 16.01
C ALA B 271 30.77 -13.93 16.79
N GLU B 272 30.61 -14.90 17.70
CA GLU B 272 31.71 -15.33 18.53
C GLU B 272 32.83 -15.99 17.73
N ASP B 273 32.60 -16.37 16.48
CA ASP B 273 33.65 -16.96 15.64
C ASP B 273 34.15 -16.01 14.55
N ALA B 274 33.83 -14.72 14.66
CA ALA B 274 34.22 -13.78 13.63
C ALA B 274 35.69 -13.38 13.73
N ASN B 275 36.32 -13.15 12.58
CA ASN B 275 37.61 -12.47 12.53
C ASN B 275 37.41 -11.00 12.90
N LEU B 276 38.12 -10.52 13.91
CA LEU B 276 37.83 -9.18 14.42
C LEU B 276 38.35 -8.06 13.53
N ASP B 277 39.36 -8.32 12.68
CA ASP B 277 39.75 -7.30 11.70
C ASP B 277 38.65 -7.11 10.67
N LEU B 278 38.08 -8.21 10.18
CA LEU B 278 36.94 -8.11 9.27
C LEU B 278 35.76 -7.42 9.96
N ALA B 279 35.45 -7.82 11.19
CA ALA B 279 34.35 -7.21 11.92
C ALA B 279 34.58 -5.71 12.13
N ALA B 280 35.81 -5.31 12.49
CA ALA B 280 36.07 -3.88 12.65
C ALA B 280 35.91 -3.12 11.33
N ASP B 281 36.39 -3.72 10.24
CA ASP B 281 36.26 -3.10 8.92
C ASP B 281 34.79 -2.92 8.56
N ILE B 282 33.98 -3.94 8.80
CA ILE B 282 32.57 -3.83 8.49
C ILE B 282 31.91 -2.78 9.40
N ALA B 283 32.26 -2.75 10.68
CA ALA B 283 31.67 -1.75 11.57
C ALA B 283 32.07 -0.33 11.16
N MET B 284 33.32 -0.14 10.75
CA MET B 284 33.72 1.19 10.28
C MET B 284 32.89 1.63 9.09
N MET B 285 32.72 0.74 8.11
CA MET B 285 31.95 1.09 6.91
C MET B 285 30.47 1.24 7.22
N ALA B 286 29.98 0.59 8.27
CA ALA B 286 28.57 0.68 8.64
C ALA B 286 28.27 1.86 9.53
N ASN B 287 29.30 2.62 9.94
CA ASN B 287 29.07 3.77 10.79
C ASN B 287 29.61 5.10 10.29
N PHE B 288 30.68 5.11 9.50
CA PHE B 288 31.36 6.38 9.22
C PHE B 288 31.37 6.76 7.76
N TYR B 289 30.70 6.00 6.89
CA TYR B 289 30.52 6.45 5.51
C TYR B 289 29.54 7.60 5.46
N SER B 290 29.84 8.55 4.57
CA SER B 290 29.05 9.78 4.47
C SER B 290 28.91 10.44 5.84
N SER B 291 30.00 10.42 6.62
CA SER B 291 30.02 10.96 7.96
C SER B 291 28.85 10.47 8.82
N GLY B 292 28.45 9.22 8.63
CA GLY B 292 27.40 8.66 9.46
C GLY B 292 25.98 9.00 9.04
N GLN B 293 25.82 9.58 7.87
CA GLN B 293 24.52 10.05 7.39
C GLN B 293 23.97 9.10 6.34
N VAL B 294 23.85 7.83 6.73
CA VAL B 294 23.25 6.80 5.88
C VAL B 294 22.15 6.10 6.66
N CYS B 295 20.98 5.94 6.05
CA CYS B 295 19.84 5.46 6.81
C CYS B 295 20.03 4.01 7.26
N THR B 296 20.81 3.22 6.52
CA THR B 296 21.00 1.80 6.80
C THR B 296 22.18 1.50 7.74
N ASN B 297 22.79 2.54 8.30
CA ASN B 297 23.98 2.34 9.10
C ASN B 297 23.75 1.40 10.27
N GLY B 298 24.76 0.57 10.52
CA GLY B 298 24.75 -0.39 11.61
C GLY B 298 25.25 0.23 12.90
N THR B 299 24.43 1.09 13.49
CA THR B 299 24.86 1.95 14.58
C THR B 299 24.77 1.29 15.95
N ARG B 300 24.18 0.10 16.07
CA ARG B 300 24.28 -0.72 17.27
C ARG B 300 25.15 -1.91 16.89
N VAL B 301 26.37 -1.94 17.41
CA VAL B 301 27.36 -2.95 17.07
C VAL B 301 27.45 -3.89 18.26
N PHE B 302 26.99 -5.11 18.08
CA PHE B 302 26.91 -6.09 19.15
C PHE B 302 28.16 -6.97 19.08
N VAL B 303 28.93 -7.00 20.16
CA VAL B 303 30.21 -7.68 20.18
C VAL B 303 30.22 -8.69 21.34
N PRO B 304 30.71 -9.91 21.14
CA PRO B 304 30.78 -10.85 22.26
C PRO B 304 31.61 -10.27 23.39
N ALA B 305 31.14 -10.48 24.62
CA ALA B 305 31.86 -9.93 25.77
C ALA B 305 33.33 -10.33 25.76
N LYS B 306 33.64 -11.56 25.32
CA LYS B 306 35.02 -12.07 25.33
C LYS B 306 35.92 -11.33 24.33
N PHE B 307 35.35 -10.70 23.32
CA PHE B 307 36.09 -9.99 22.28
C PHE B 307 36.06 -8.49 22.45
N LYS B 308 35.38 -7.97 23.47
CA LYS B 308 35.07 -6.55 23.46
C LYS B 308 36.36 -5.73 23.54
N ALA B 309 37.26 -6.11 24.44
CA ALA B 309 38.48 -5.33 24.62
C ALA B 309 39.29 -5.28 23.32
N GLU B 310 39.51 -6.45 22.71
CA GLU B 310 40.28 -6.48 21.48
C GLU B 310 39.56 -5.72 20.37
N PHE B 311 38.24 -5.87 20.31
CA PHE B 311 37.48 -5.17 19.27
C PHE B 311 37.64 -3.66 19.40
N GLU B 312 37.60 -3.14 20.63
CA GLU B 312 37.78 -1.70 20.83
C GLU B 312 39.13 -1.24 20.32
N HIS B 313 40.21 -1.99 20.62
CA HIS B 313 41.51 -1.61 20.12
C HIS B 313 41.50 -1.54 18.60
N LYS B 314 40.83 -2.49 17.95
CA LYS B 314 40.83 -2.48 16.49
C LYS B 314 40.01 -1.33 15.93
N ILE B 315 38.90 -0.99 16.57
CA ILE B 315 38.14 0.19 16.16
C ILE B 315 38.99 1.46 16.35
N LEU B 316 39.66 1.60 17.51
CA LEU B 316 40.44 2.80 17.73
C LEU B 316 41.52 2.94 16.68
N GLU B 317 42.17 1.83 16.32
CA GLU B 317 43.21 1.89 15.29
C GLU B 317 42.65 2.39 13.96
N ARG B 318 41.48 1.90 13.54
CA ARG B 318 40.94 2.31 12.24
C ARG B 318 40.37 3.72 12.30
N VAL B 319 39.77 4.11 13.42
CA VAL B 319 39.32 5.49 13.57
C VAL B 319 40.50 6.44 13.46
N GLY B 320 41.64 6.04 14.01
CA GLY B 320 42.83 6.87 13.94
C GLY B 320 43.32 7.14 12.54
N ARG B 321 42.93 6.29 11.57
CA ARG B 321 43.31 6.44 10.18
C ARG B 321 42.35 7.31 9.36
N ILE B 322 41.21 7.73 9.92
CA ILE B 322 40.24 8.45 9.11
C ILE B 322 40.86 9.75 8.63
N ARG B 323 40.55 10.14 7.39
CA ARG B 323 41.20 11.30 6.75
C ARG B 323 40.14 12.36 6.47
N ALA B 324 39.98 13.28 7.42
CA ALA B 324 39.13 14.44 7.24
C ALA B 324 39.96 15.57 6.65
N GLY B 325 39.38 16.29 5.70
CA GLY B 325 40.13 17.38 5.09
C GLY B 325 39.49 17.85 3.82
N ASP B 326 40.33 18.34 2.90
CA ASP B 326 39.89 18.90 1.63
C ASP B 326 38.93 17.96 0.95
N LEU B 327 37.69 18.41 0.72
CA LEU B 327 36.69 17.46 0.25
C LEU B 327 36.90 17.08 -1.20
N PHE B 328 37.78 17.76 -1.92
CA PHE B 328 38.06 17.43 -3.31
C PHE B 328 39.37 16.68 -3.46
N ALA B 329 40.08 16.43 -2.35
CA ALA B 329 41.30 15.63 -2.39
C ALA B 329 40.97 14.16 -2.47
N ASP B 330 41.74 13.43 -3.27
CA ASP B 330 41.51 12.01 -3.49
C ASP B 330 41.47 11.22 -2.19
N ASP B 331 42.34 11.56 -1.24
CA ASP B 331 42.52 10.74 -0.05
C ASP B 331 41.53 11.04 1.06
N THR B 332 40.80 12.15 0.98
CA THR B 332 39.81 12.47 2.00
C THR B 332 38.66 11.46 1.99
N ASN B 333 38.32 10.93 3.16
CA ASN B 333 37.22 9.97 3.25
C ASN B 333 36.22 10.28 4.36
N PHE B 334 36.17 11.52 4.82
CA PHE B 334 35.27 11.91 5.89
C PHE B 334 35.01 13.40 5.73
N GLY B 335 33.75 13.78 5.82
CA GLY B 335 33.34 15.14 5.59
C GLY B 335 32.65 15.74 6.80
N PRO B 336 32.31 17.02 6.70
CA PRO B 336 31.42 17.63 7.71
C PRO B 336 30.04 17.04 7.54
N LEU B 337 29.14 17.39 8.48
CA LEU B 337 27.74 16.99 8.34
C LEU B 337 27.02 17.93 7.35
N VAL B 338 25.79 17.55 6.97
CA VAL B 338 25.14 18.28 5.88
C VAL B 338 24.79 19.72 6.23
N SER B 339 24.66 20.05 7.51
CA SER B 339 24.26 21.41 7.89
C SER B 339 24.66 21.68 9.33
N PHE B 340 24.69 22.95 9.68
CA PHE B 340 25.05 23.31 11.04
C PHE B 340 23.91 22.98 12.01
N PRO B 341 22.64 23.14 11.63
CA PRO B 341 21.57 22.63 12.51
C PRO B 341 21.66 21.12 12.76
N HIS B 342 21.98 20.33 11.73
CA HIS B 342 22.12 18.91 11.96
C HIS B 342 23.30 18.63 12.90
N ARG B 343 24.41 19.35 12.75
CA ARG B 343 25.51 19.15 13.70
C ARG B 343 25.05 19.39 15.14
N GLN B 344 24.27 20.44 15.36
CA GLN B 344 23.84 20.70 16.74
C GLN B 344 23.06 19.52 17.29
N ASN B 345 22.16 18.97 16.50
CA ASN B 345 21.38 17.83 16.98
C ASN B 345 22.26 16.62 17.28
N VAL B 346 23.24 16.33 16.42
CA VAL B 346 24.17 15.23 16.70
C VAL B 346 24.95 15.49 17.98
N LEU B 347 25.36 16.73 18.21
CA LEU B 347 26.11 17.04 19.41
C LEU B 347 25.27 16.80 20.67
N ARG B 348 23.97 17.12 20.61
CA ARG B 348 23.10 16.82 21.74
C ARG B 348 23.03 15.32 22.02
N TYR B 349 23.00 14.50 20.96
CA TYR B 349 23.07 13.05 21.17
C TYR B 349 24.38 12.65 21.83
N ILE B 350 25.50 13.23 21.39
CA ILE B 350 26.78 12.89 21.99
C ILE B 350 26.80 13.28 23.45
N GLU B 351 26.28 14.45 23.79
CA GLU B 351 26.22 14.85 25.18
C GLU B 351 25.32 13.92 26.00
N SER B 352 24.27 13.36 25.40
CA SER B 352 23.43 12.45 26.17
C SER B 352 24.15 11.13 26.45
N GLY B 353 24.90 10.62 25.48
CA GLY B 353 25.68 9.42 25.74
C GLY B 353 26.67 9.62 26.88
N LYS B 354 27.33 10.77 26.90
CA LYS B 354 28.20 11.07 28.04
C LYS B 354 27.41 11.12 29.33
N SER B 355 26.31 11.88 29.34
CA SER B 355 25.54 12.10 30.54
C SER B 355 24.91 10.82 31.06
N GLU B 356 24.55 9.89 30.18
CA GLU B 356 23.94 8.64 30.61
C GLU B 356 24.96 7.56 30.94
N GLY B 357 26.26 7.89 30.92
CA GLY B 357 27.27 6.99 31.43
C GLY B 357 27.88 6.02 30.44
N ALA B 358 27.66 6.22 29.14
CA ALA B 358 28.45 5.49 28.17
C ALA B 358 29.91 5.97 28.20
N ARG B 359 30.85 5.05 27.93
CA ARG B 359 32.27 5.36 27.93
C ARG B 359 32.65 5.83 26.53
N LEU B 360 33.17 7.03 26.44
CA LEU B 360 33.67 7.56 25.18
C LEU B 360 34.96 6.87 24.80
N LEU B 361 34.96 6.14 23.69
CA LEU B 361 36.19 5.51 23.20
C LEU B 361 37.03 6.48 22.40
N CYS B 362 36.37 7.31 21.57
CA CYS B 362 37.09 8.29 20.77
C CYS B 362 36.11 9.33 20.25
N GLY B 363 36.65 10.48 19.88
CA GLY B 363 35.85 11.56 19.31
C GLY B 363 35.05 12.29 20.38
N GLY B 364 33.82 12.63 20.02
CA GLY B 364 32.90 13.27 20.94
C GLY B 364 32.88 14.78 20.90
N ASP B 365 33.51 15.40 19.91
CA ASP B 365 33.62 16.85 19.85
C ASP B 365 33.61 17.26 18.39
N VAL B 366 33.58 18.56 18.14
CA VAL B 366 33.75 19.06 16.78
C VAL B 366 35.21 18.97 16.38
N LEU B 367 35.46 19.04 15.06
CA LEU B 367 36.84 19.22 14.62
C LEU B 367 37.19 20.70 14.69
N LYS B 368 38.49 20.96 14.91
CA LYS B 368 38.97 22.28 15.24
C LYS B 368 40.23 22.56 14.44
N GLY B 369 40.50 23.84 14.22
CA GLY B 369 41.71 24.25 13.54
C GLY B 369 41.39 24.80 12.16
N GLU B 370 42.46 25.26 11.51
CA GLU B 370 42.32 25.91 10.22
C GLU B 370 41.66 24.97 9.24
N GLY B 371 40.62 25.47 8.56
CA GLY B 371 39.93 24.70 7.55
C GLY B 371 38.85 23.79 8.07
N PHE B 372 38.79 23.58 9.39
CA PHE B 372 37.66 22.92 10.04
C PHE B 372 36.75 23.88 10.79
N ASP B 373 37.28 25.02 11.24
CA ASP B 373 36.52 25.90 12.10
C ASP B 373 35.29 26.46 11.42
N ASN B 374 35.28 26.54 10.08
CA ASN B 374 34.16 27.12 9.35
C ASN B 374 33.21 26.07 8.79
N GLY B 375 33.45 24.77 9.03
CA GLY B 375 32.54 23.74 8.55
C GLY B 375 31.84 22.99 9.67
N ALA B 376 30.78 22.25 9.32
CA ALA B 376 29.95 21.56 10.31
C ALA B 376 30.49 20.16 10.65
N TRP B 377 31.75 20.13 11.11
CA TRP B 377 32.44 18.88 11.38
C TRP B 377 32.13 18.35 12.78
N VAL B 378 31.89 17.05 12.86
CA VAL B 378 31.87 16.28 14.10
C VAL B 378 32.88 15.16 13.99
N ALA B 379 33.70 14.97 15.01
CA ALA B 379 34.70 13.91 14.96
C ALA B 379 34.04 12.54 14.96
N PRO B 380 34.65 11.57 14.27
CA PRO B 380 34.16 10.19 14.39
C PRO B 380 34.16 9.76 15.84
N THR B 381 33.03 9.28 16.30
CA THR B 381 32.75 9.12 17.71
C THR B 381 32.28 7.69 17.95
N VAL B 382 32.80 7.09 19.01
CA VAL B 382 32.48 5.72 19.37
C VAL B 382 32.23 5.70 20.86
N PHE B 383 31.08 5.20 21.24
CA PHE B 383 30.72 4.93 22.62
C PHE B 383 30.74 3.42 22.84
N THR B 384 31.14 3.02 24.03
CA THR B 384 31.14 1.63 24.42
C THR B 384 30.63 1.55 25.85
N ASP B 385 30.53 0.34 26.39
CA ASP B 385 29.83 0.07 27.65
C ASP B 385 28.38 0.53 27.57
N CYS B 386 27.80 0.47 26.38
CA CYS B 386 26.44 0.92 26.16
C CYS B 386 25.43 -0.10 26.65
N THR B 387 24.26 0.38 26.99
CA THR B 387 23.15 -0.46 27.38
C THR B 387 21.90 -0.08 26.59
N ASP B 388 20.97 -1.02 26.52
CA ASP B 388 19.84 -0.91 25.59
C ASP B 388 18.89 0.24 25.94
N ASP B 389 18.92 0.75 27.15
CA ASP B 389 18.04 1.84 27.54
C ASP B 389 18.61 3.23 27.22
N MET B 390 19.86 3.31 26.77
CA MET B 390 20.47 4.62 26.53
C MET B 390 19.84 5.29 25.31
N THR B 391 19.78 6.62 25.37
CA THR B 391 19.20 7.39 24.27
C THR B 391 19.97 7.16 22.98
N ILE B 392 21.30 7.11 23.03
CA ILE B 392 22.08 6.93 21.81
C ILE B 392 21.91 5.52 21.24
N VAL B 393 21.44 4.58 22.04
CA VAL B 393 21.22 3.24 21.55
C VAL B 393 19.82 3.12 20.98
N ARG B 394 18.87 3.86 21.54
CA ARG B 394 17.48 3.73 21.14
C ARG B 394 17.13 4.57 19.93
N GLU B 395 17.81 5.70 19.73
CA GLU B 395 17.39 6.68 18.74
C GLU B 395 18.39 6.83 17.59
N GLU B 396 17.85 7.03 16.39
CA GLU B 396 18.69 7.31 15.24
C GLU B 396 19.32 8.70 15.35
N ILE B 397 20.64 8.75 15.22
CA ILE B 397 21.42 9.97 15.35
C ILE B 397 21.72 10.61 13.98
N PHE B 398 22.05 9.80 12.98
CA PHE B 398 22.37 10.30 11.63
C PHE B 398 23.64 11.16 11.67
N GLY B 399 24.58 10.72 12.47
CA GLY B 399 25.88 11.31 12.56
C GLY B 399 26.87 10.21 12.81
N PRO B 400 28.11 10.56 12.90
CA PRO B 400 29.17 9.54 13.01
C PRO B 400 29.33 9.12 14.47
N VAL B 401 28.40 8.29 14.94
CA VAL B 401 28.36 7.87 16.34
C VAL B 401 28.05 6.38 16.40
N MET B 402 29.05 5.58 16.74
CA MET B 402 28.91 4.16 16.88
C MET B 402 28.63 3.83 18.33
N SER B 403 27.69 2.90 18.59
CA SER B 403 27.42 2.39 19.93
C SER B 403 27.80 0.93 19.99
N ILE B 404 28.77 0.60 20.86
CA ILE B 404 29.23 -0.79 21.03
C ILE B 404 28.55 -1.38 22.26
N LEU B 405 27.90 -2.52 22.05
CA LEU B 405 27.12 -3.23 23.05
C LEU B 405 27.64 -4.66 23.19
N SER B 406 27.93 -5.06 24.42
N SER B 406 27.95 -5.07 24.40
CA SER B 406 28.42 -6.40 24.68
CA SER B 406 28.47 -6.42 24.59
C SER B 406 27.25 -7.38 24.73
C SER B 406 27.32 -7.39 24.82
N TYR B 407 27.52 -8.63 24.37
CA TYR B 407 26.52 -9.68 24.55
C TYR B 407 27.17 -11.02 24.86
N ASP B 408 26.35 -11.94 25.43
CA ASP B 408 26.82 -13.24 25.87
C ASP B 408 26.41 -14.39 24.96
N ASP B 409 25.18 -14.43 24.42
CA ASP B 409 24.78 -15.61 23.66
C ASP B 409 23.90 -15.24 22.48
N GLU B 410 23.72 -16.22 21.59
CA GLU B 410 23.11 -15.94 20.30
C GLU B 410 21.64 -15.60 20.45
N ALA B 411 20.93 -16.32 21.31
CA ALA B 411 19.51 -16.02 21.51
C ALA B 411 19.34 -14.61 22.07
N GLU B 412 20.18 -14.24 23.03
CA GLU B 412 20.12 -12.89 23.58
C GLU B 412 20.30 -11.82 22.50
N VAL B 413 21.32 -11.97 21.64
CA VAL B 413 21.62 -10.89 20.70
C VAL B 413 20.54 -10.79 19.64
N ILE B 414 19.92 -11.92 19.28
CA ILE B 414 18.78 -11.85 18.36
C ILE B 414 17.65 -11.05 19.00
N ARG B 415 17.32 -11.34 20.26
N ARG B 415 17.34 -11.32 20.26
CA ARG B 415 16.27 -10.59 20.94
CA ARG B 415 16.26 -10.59 20.93
C ARG B 415 16.58 -9.10 20.96
C ARG B 415 16.56 -9.10 21.00
N ARG B 416 17.80 -8.74 21.38
CA ARG B 416 18.16 -7.34 21.53
C ARG B 416 18.25 -6.65 20.18
N ALA B 417 18.75 -7.35 19.17
CA ALA B 417 18.73 -6.82 17.81
C ALA B 417 17.33 -6.42 17.38
N ASN B 418 16.34 -7.27 17.67
CA ASN B 418 14.96 -7.05 17.26
C ASN B 418 14.19 -6.13 18.18
N ALA B 419 14.74 -5.80 19.35
CA ALA B 419 14.03 -5.01 20.37
C ALA B 419 14.16 -3.53 20.04
N THR B 420 13.49 -3.16 18.95
CA THR B 420 13.48 -1.79 18.46
C THR B 420 12.22 -1.67 17.64
N GLU B 421 11.67 -0.45 17.57
CA GLU B 421 10.55 -0.16 16.68
C GLU B 421 11.00 -0.09 15.23
N TYR B 422 12.30 0.02 15.00
CA TYR B 422 12.87 0.14 13.66
C TYR B 422 13.10 -1.24 13.06
N GLY B 423 13.41 -1.25 11.78
CA GLY B 423 13.65 -2.50 11.10
C GLY B 423 14.16 -2.30 9.70
N LEU B 424 15.12 -1.39 9.50
CA LEU B 424 15.54 -1.13 8.13
C LEU B 424 16.57 -2.16 7.66
N ALA B 425 17.72 -2.23 8.32
CA ALA B 425 18.77 -3.13 7.90
C ALA B 425 19.29 -3.92 9.08
N ALA B 426 20.18 -4.87 8.78
CA ALA B 426 20.86 -5.68 9.78
C ALA B 426 22.02 -6.41 9.12
N GLY B 427 22.95 -6.86 9.95
CA GLY B 427 24.02 -7.68 9.40
C GLY B 427 24.62 -8.59 10.44
N VAL B 428 25.31 -9.59 9.95
CA VAL B 428 26.06 -10.52 10.79
C VAL B 428 27.42 -10.77 10.17
N VAL B 429 28.44 -10.89 11.03
CA VAL B 429 29.79 -11.27 10.66
C VAL B 429 30.06 -12.64 11.27
N THR B 430 30.19 -13.66 10.41
CA THR B 430 30.51 -15.00 10.87
C THR B 430 31.00 -15.82 9.69
N PRO B 431 32.03 -16.66 9.88
CA PRO B 431 32.42 -17.60 8.82
C PRO B 431 31.53 -18.81 8.74
N ASP B 432 30.64 -19.01 9.71
CA ASP B 432 29.88 -20.25 9.82
C ASP B 432 28.62 -20.21 8.96
N LEU B 433 28.43 -21.23 8.14
CA LEU B 433 27.26 -21.33 7.25
C LEU B 433 25.95 -21.27 8.03
N ASN B 434 25.79 -22.16 9.00
CA ASN B 434 24.54 -22.22 9.75
C ASN B 434 24.29 -20.92 10.50
N ARG B 435 25.31 -20.42 11.18
CA ARG B 435 25.10 -19.21 11.97
C ARG B 435 24.66 -18.05 11.10
N ALA B 436 25.32 -17.86 9.94
CA ALA B 436 24.99 -16.71 9.09
C ALA B 436 23.53 -16.73 8.67
N HIS B 437 23.07 -17.85 8.12
CA HIS B 437 21.71 -17.89 7.59
C HIS B 437 20.69 -17.95 8.72
N ARG B 438 20.99 -18.70 9.79
CA ARG B 438 19.96 -18.85 10.81
C ARG B 438 19.75 -17.56 11.58
N ILE B 439 20.82 -16.79 11.82
CA ILE B 439 20.64 -15.50 12.48
C ILE B 439 19.86 -14.53 11.59
N ILE B 440 20.26 -14.43 10.32
CA ILE B 440 19.62 -13.48 9.41
C ILE B 440 18.14 -13.80 9.24
N HIS B 441 17.79 -15.07 9.14
CA HIS B 441 16.37 -15.39 8.98
C HIS B 441 15.54 -14.94 10.18
N GLN B 442 16.15 -14.76 11.36
CA GLN B 442 15.40 -14.33 12.53
C GLN B 442 15.36 -12.83 12.76
N LEU B 443 16.12 -12.04 12.00
CA LEU B 443 16.19 -10.61 12.24
C LEU B 443 15.03 -9.93 11.51
N GLU B 444 14.41 -8.97 12.19
CA GLU B 444 13.27 -8.22 11.66
C GLU B 444 13.72 -6.97 10.94
N ALA B 445 14.31 -7.19 9.76
CA ALA B 445 14.79 -6.08 8.95
C ALA B 445 14.70 -6.44 7.48
N GLY B 446 14.54 -5.41 6.65
CA GLY B 446 14.33 -5.62 5.23
C GLY B 446 15.57 -5.84 4.40
N ILE B 447 16.71 -5.42 4.90
CA ILE B 447 17.97 -5.32 4.17
C ILE B 447 19.03 -5.95 5.05
N CYS B 448 19.52 -7.13 4.68
CA CYS B 448 20.42 -7.91 5.52
C CYS B 448 21.73 -8.26 4.81
N TRP B 449 22.86 -8.00 5.47
CA TRP B 449 24.17 -8.18 4.89
C TRP B 449 24.94 -9.21 5.71
N ILE B 450 25.53 -10.17 5.02
CA ILE B 450 26.38 -11.19 5.63
C ILE B 450 27.82 -10.93 5.22
N ASN B 451 28.68 -10.69 6.21
CA ASN B 451 30.10 -10.42 6.01
C ASN B 451 30.35 -9.25 5.07
N SER B 452 29.48 -8.25 5.17
N SER B 452 29.49 -8.24 5.17
CA SER B 452 29.59 -7.03 4.36
CA SER B 452 29.62 -7.02 4.38
C SER B 452 28.66 -5.98 4.94
C SER B 452 28.67 -5.97 4.95
N TRP B 453 28.64 -4.81 4.29
CA TRP B 453 27.68 -3.78 4.62
C TRP B 453 27.62 -2.76 3.49
N GLY B 454 26.42 -2.40 3.11
CA GLY B 454 26.15 -1.20 2.36
C GLY B 454 25.92 -1.34 0.87
N GLU B 455 26.26 -2.47 0.26
CA GLU B 455 26.00 -2.63 -1.17
C GLU B 455 24.50 -2.79 -1.40
N SER B 456 23.99 -2.09 -2.41
CA SER B 456 22.55 -2.05 -2.68
C SER B 456 22.34 -2.15 -4.19
N PRO B 457 22.54 -3.34 -4.75
CA PRO B 457 22.39 -3.52 -6.21
C PRO B 457 21.00 -3.17 -6.72
N ALA B 458 20.96 -2.73 -7.98
CA ALA B 458 19.69 -2.29 -8.57
C ALA B 458 18.65 -3.39 -8.49
N GLU B 459 19.11 -4.66 -8.60
CA GLU B 459 18.22 -5.80 -8.60
C GLU B 459 17.61 -6.10 -7.24
N MET B 460 18.18 -5.55 -6.17
CA MET B 460 17.82 -5.99 -4.84
C MET B 460 16.76 -5.08 -4.23
N PRO B 461 15.54 -5.58 -3.93
CA PRO B 461 14.54 -4.73 -3.27
C PRO B 461 14.99 -4.31 -1.88
N VAL B 462 14.76 -3.02 -1.55
CA VAL B 462 15.23 -2.47 -0.27
C VAL B 462 14.13 -1.63 0.37
N GLY B 463 13.96 -1.82 1.67
CA GLY B 463 13.05 -1.02 2.45
C GLY B 463 12.91 -1.64 3.82
N GLY B 464 12.04 -1.03 4.62
CA GLY B 464 12.00 -1.28 6.04
C GLY B 464 10.87 -2.18 6.49
N TYR B 465 11.14 -2.92 7.56
CA TYR B 465 10.14 -3.51 8.42
C TYR B 465 9.69 -2.49 9.47
N LYS B 466 8.53 -2.76 10.08
CA LYS B 466 8.07 -2.10 11.32
C LYS B 466 8.01 -0.60 11.05
N HIS B 467 8.61 0.24 11.89
CA HIS B 467 8.48 1.67 11.74
C HIS B 467 9.48 2.26 10.76
N SER B 468 10.30 1.42 10.13
CA SER B 468 11.30 1.94 9.20
C SER B 468 10.78 2.12 7.79
N GLY B 469 9.59 1.62 7.48
CA GLY B 469 9.09 1.87 6.13
C GLY B 469 7.87 1.06 5.77
N ILE B 470 7.30 1.47 4.65
CA ILE B 470 6.24 0.77 3.90
C ILE B 470 6.71 0.70 2.46
N GLY B 471 6.55 -0.46 1.83
CA GLY B 471 6.97 -0.59 0.44
C GLY B 471 8.47 -0.78 0.26
N ARG B 472 8.86 -0.94 -1.01
CA ARG B 472 10.23 -1.25 -1.39
C ARG B 472 10.61 -0.36 -2.55
N GLU B 473 11.91 -0.11 -2.67
CA GLU B 473 12.53 0.46 -3.85
C GLU B 473 13.50 -0.56 -4.46
N ASN B 474 13.80 -0.35 -5.74
CA ASN B 474 14.68 -1.19 -6.52
C ASN B 474 14.07 -2.59 -6.71
N GLY B 475 14.69 -3.41 -7.55
CA GLY B 475 14.12 -4.70 -7.87
C GLY B 475 12.97 -4.64 -8.87
N VAL B 476 12.65 -5.80 -9.44
CA VAL B 476 11.56 -5.88 -10.40
C VAL B 476 10.25 -5.41 -9.79
N MET B 477 10.03 -5.75 -8.51
CA MET B 477 8.76 -5.46 -7.86
C MET B 477 8.47 -3.96 -7.81
N THR B 478 9.49 -3.12 -7.76
CA THR B 478 9.19 -1.69 -7.65
C THR B 478 8.67 -1.14 -8.98
N LEU B 479 9.13 -1.66 -10.12
CA LEU B 479 8.55 -1.28 -11.40
C LEU B 479 7.06 -1.61 -11.45
N GLN B 480 6.71 -2.83 -11.02
CA GLN B 480 5.31 -3.23 -10.94
C GLN B 480 4.50 -2.34 -9.99
N SER B 481 5.11 -1.90 -8.91
CA SER B 481 4.43 -1.09 -7.91
C SER B 481 4.02 0.30 -8.40
N TYR B 482 4.56 0.75 -9.53
CA TYR B 482 4.20 2.00 -10.15
C TYR B 482 3.23 1.80 -11.34
N THR B 483 2.59 0.65 -11.38
CA THR B 483 1.46 0.44 -12.24
C THR B 483 0.29 0.00 -11.39
N GLN B 484 -0.90 0.05 -12.00
CA GLN B 484 -2.11 -0.46 -11.39
C GLN B 484 -2.70 -1.51 -12.32
N VAL B 485 -3.35 -2.50 -11.72
CA VAL B 485 -3.85 -3.65 -12.46
C VAL B 485 -5.30 -3.42 -12.85
N LYS B 486 -5.59 -3.58 -14.13
CA LYS B 486 -6.96 -3.62 -14.65
C LYS B 486 -7.25 -5.04 -15.11
N SER B 487 -8.33 -5.62 -14.58
CA SER B 487 -8.76 -6.97 -14.96
C SER B 487 -9.93 -6.85 -15.92
N ILE B 488 -9.87 -7.59 -17.02
CA ILE B 488 -10.87 -7.55 -18.09
C ILE B 488 -11.38 -8.95 -18.36
N GLN B 489 -12.68 -9.18 -18.15
CA GLN B 489 -13.30 -10.45 -18.49
C GLN B 489 -13.99 -10.35 -19.84
N VAL B 490 -13.64 -11.27 -20.73
CA VAL B 490 -14.28 -11.42 -22.02
C VAL B 490 -15.24 -12.58 -21.90
N GLU B 491 -16.53 -12.29 -21.92
CA GLU B 491 -17.58 -13.32 -21.88
C GLU B 491 -18.10 -13.53 -23.29
N MET B 492 -17.81 -14.69 -23.87
CA MET B 492 -18.24 -15.03 -25.23
C MET B 492 -19.49 -15.89 -25.27
N GLY B 493 -19.85 -16.51 -24.16
CA GLY B 493 -21.08 -17.25 -24.07
C GLY B 493 -22.25 -16.31 -23.81
N PRO B 494 -23.46 -16.85 -23.87
CA PRO B 494 -24.65 -16.02 -23.65
C PRO B 494 -24.81 -15.69 -22.17
N PHE B 495 -24.89 -14.39 -21.88
CA PHE B 495 -25.00 -13.95 -20.49
C PHE B 495 -26.35 -14.33 -19.91
N GLN B 496 -26.36 -14.89 -18.71
CA GLN B 496 -27.61 -15.32 -18.07
C GLN B 496 -28.02 -14.33 -16.98
N SER B 497 -29.19 -13.74 -17.14
CA SER B 497 -29.78 -12.93 -16.09
C SER B 497 -30.80 -13.77 -15.34
N ILE B 498 -30.86 -13.58 -14.02
CA ILE B 498 -31.87 -14.24 -13.19
C ILE B 498 -33.20 -13.53 -13.16
N PHE B 499 -33.29 -12.34 -13.76
CA PHE B 499 -34.50 -11.50 -13.69
C PHE B 499 -35.34 -11.66 -14.94
#